data_4AT1
#
_entry.id   4AT1
#
_cell.length_a   122.000
_cell.length_b   122.000
_cell.length_c   142.000
_cell.angle_alpha   90.00
_cell.angle_beta   90.00
_cell.angle_gamma   120.00
#
_symmetry.space_group_name_H-M   'P 3 2 1'
#
loop_
_entity.id
_entity.type
_entity.pdbx_description
1 polymer 'ASPARTATE CARBAMOYLTRANSFERASE (T STATE), CATALYTIC CHAIN'
2 polymer 'ASPARTATE CARBAMOYLTRANSFERASE REGULATORY CHAIN'
3 non-polymer 'ZINC ION'
4 non-polymer "ADENOSINE-5'-TRIPHOSPHATE"
#
loop_
_entity_poly.entity_id
_entity_poly.type
_entity_poly.pdbx_seq_one_letter_code
_entity_poly.pdbx_strand_id
1 'polypeptide(L)'
;ANPLYQKHIISINDLSRDDLNLVLATAAKLKANPQPELLKHKVIASCFFEASTRTRLSFQTSMHRLGASVVGFSDSANTS
LGKKGETLADTISVISTYVDAIVMRHPQEGAARLATEFSGNVPVLNAGDGSNQHPTQTLLDLFTIQQTEGRLDNLHVAMV
GDLKYGRTVHSLTQALAKFDGNRFYFIAPDALAMPEYILDMLDEKGIAWSLHSSIEEVMAEVDILYMTRVQKERLDPSEY
ANVKAQFVLRASDLHNAKANMKVLHPLPRVDEIATDVDKTPHAWYFQQAGNGIFARQALLALVLNRDLVL
;
A,C
2 'polypeptide(L)'
;MTHDNKLGVEAIKRGTVIDHIPAQIGFKLLSLFKLTETDQRITIGLNLPSGEMGRKDLIKIENTFLSEDQVDQLALYAPQ
ATVNRIDNYEVVGKSRPSLPERIDNVLVCPNSNCISHAEPVSSSFAVRKRANDIALKCKYCEKEFSHNVVLAN
;
B,D
#
# COMPACT_ATOMS: atom_id res chain seq x y z
N ALA A 1 8.01 11.29 -44.55
CA ALA A 1 7.99 12.01 -43.29
C ALA A 1 9.35 11.63 -42.73
N ASN A 2 9.97 12.46 -41.89
CA ASN A 2 11.31 12.16 -41.38
C ASN A 2 11.26 10.89 -40.51
N PRO A 3 12.32 10.14 -40.25
CA PRO A 3 12.17 8.83 -39.64
C PRO A 3 11.72 8.94 -38.20
N LEU A 4 11.81 10.11 -37.55
CA LEU A 4 11.36 10.23 -36.18
C LEU A 4 10.10 11.02 -36.06
N TYR A 5 9.49 11.49 -37.16
CA TYR A 5 8.23 12.21 -37.14
C TYR A 5 7.18 11.45 -36.32
N GLN A 6 6.53 12.13 -35.38
CA GLN A 6 5.57 11.56 -34.41
C GLN A 6 6.01 10.35 -33.59
N LYS A 7 7.30 10.07 -33.49
CA LYS A 7 7.76 9.00 -32.64
C LYS A 7 7.86 9.49 -31.19
N HIS A 8 7.91 8.52 -30.28
CA HIS A 8 8.02 8.79 -28.86
C HIS A 8 9.52 8.64 -28.56
N ILE A 9 10.18 9.55 -27.83
CA ILE A 9 11.59 9.38 -27.54
C ILE A 9 11.70 8.94 -26.09
N ILE A 10 11.70 7.63 -25.87
CA ILE A 10 11.75 7.18 -24.50
C ILE A 10 13.06 6.67 -23.94
N SER A 11 13.83 5.95 -24.72
CA SER A 11 15.00 5.30 -24.20
C SER A 11 16.10 5.25 -25.20
N ILE A 12 17.38 5.36 -24.87
CA ILE A 12 18.40 5.42 -25.90
C ILE A 12 18.47 4.15 -26.69
N ASN A 13 18.30 3.00 -26.04
CA ASN A 13 18.52 1.76 -26.73
C ASN A 13 17.51 1.56 -27.86
N ASP A 14 16.37 2.30 -27.80
CA ASP A 14 15.32 2.33 -28.82
C ASP A 14 15.68 3.18 -30.03
N LEU A 15 16.88 3.78 -30.13
CA LEU A 15 17.21 4.58 -31.27
C LEU A 15 18.42 3.91 -31.90
N SER A 16 18.40 3.79 -33.22
CA SER A 16 19.47 3.17 -33.95
C SER A 16 20.55 4.20 -34.13
N ARG A 17 21.62 3.73 -34.71
CA ARG A 17 22.75 4.56 -35.07
C ARG A 17 22.36 5.70 -36.01
N ASP A 18 21.53 5.32 -36.96
CA ASP A 18 21.04 6.21 -38.00
C ASP A 18 20.10 7.23 -37.34
N ASP A 19 19.32 6.87 -36.32
CA ASP A 19 18.51 7.84 -35.60
C ASP A 19 19.33 8.89 -34.81
N LEU A 20 20.36 8.40 -34.12
CA LEU A 20 21.24 9.24 -33.33
C LEU A 20 21.88 10.24 -34.24
N ASN A 21 22.16 9.80 -35.47
CA ASN A 21 22.84 10.66 -36.42
C ASN A 21 21.98 11.71 -37.04
N LEU A 22 20.73 11.30 -37.29
CA LEU A 22 19.76 12.20 -37.87
C LEU A 22 19.60 13.32 -36.85
N VAL A 23 19.42 12.95 -35.58
CA VAL A 23 19.22 13.90 -34.52
C VAL A 23 20.44 14.81 -34.54
N LEU A 24 21.62 14.23 -34.30
CA LEU A 24 22.84 14.98 -34.27
C LEU A 24 23.15 15.79 -35.51
N ALA A 25 22.60 15.52 -36.70
CA ALA A 25 22.88 16.34 -37.85
C ALA A 25 21.94 17.53 -37.84
N THR A 26 20.68 17.35 -37.47
CA THR A 26 19.70 18.43 -37.39
C THR A 26 20.19 19.52 -36.45
N ALA A 27 20.55 19.06 -35.26
CA ALA A 27 21.08 19.86 -34.17
C ALA A 27 22.24 20.76 -34.58
N ALA A 28 23.03 20.36 -35.56
CA ALA A 28 24.11 21.19 -36.02
C ALA A 28 23.57 22.22 -37.02
N LYS A 29 22.52 21.88 -37.77
CA LYS A 29 21.87 22.80 -38.67
C LYS A 29 21.17 23.90 -37.88
N LEU A 30 20.28 23.58 -36.93
CA LEU A 30 19.57 24.55 -36.08
C LEU A 30 20.49 25.44 -35.27
N LYS A 31 21.70 24.98 -35.06
CA LYS A 31 22.68 25.80 -34.42
C LYS A 31 23.13 26.94 -35.32
N ALA A 32 23.51 26.64 -36.57
CA ALA A 32 24.06 27.59 -37.54
C ALA A 32 23.05 28.52 -38.18
N ASN A 33 21.91 28.02 -38.66
CA ASN A 33 20.91 28.90 -39.27
C ASN A 33 19.69 28.42 -38.54
N PRO A 34 19.26 29.18 -37.52
CA PRO A 34 18.11 28.81 -36.73
C PRO A 34 16.75 29.15 -37.34
N GLN A 35 15.71 28.31 -37.14
CA GLN A 35 14.39 28.77 -37.54
C GLN A 35 13.51 28.86 -36.29
N PRO A 36 13.40 30.09 -35.77
CA PRO A 36 12.79 30.42 -34.50
C PRO A 36 11.28 30.64 -34.58
N GLU A 37 10.67 30.16 -35.66
CA GLU A 37 9.26 30.34 -35.90
C GLU A 37 8.74 28.97 -36.34
N LEU A 38 9.56 27.90 -36.32
CA LEU A 38 9.21 26.56 -36.80
C LEU A 38 8.10 25.85 -36.03
N LEU A 39 7.88 26.08 -34.77
CA LEU A 39 6.83 25.41 -34.06
C LEU A 39 5.77 26.43 -33.64
N LYS A 40 5.72 27.52 -34.41
CA LYS A 40 4.77 28.58 -34.20
C LYS A 40 3.40 27.91 -34.15
N HIS A 41 2.69 28.11 -33.03
CA HIS A 41 1.32 27.62 -32.79
C HIS A 41 1.21 26.22 -32.19
N LYS A 42 2.31 25.58 -31.82
CA LYS A 42 2.23 24.33 -31.12
C LYS A 42 2.27 24.68 -29.63
N VAL A 43 1.83 23.83 -28.70
CA VAL A 43 1.81 24.06 -27.27
C VAL A 43 2.35 22.77 -26.74
N ILE A 44 3.52 22.86 -26.15
CA ILE A 44 4.18 21.71 -25.56
C ILE A 44 3.95 21.81 -24.05
N ALA A 45 3.80 20.68 -23.35
CA ALA A 45 3.56 20.72 -21.91
C ALA A 45 4.83 20.30 -21.17
N SER A 46 5.35 21.04 -20.18
CA SER A 46 6.58 20.69 -19.52
C SER A 46 6.17 20.12 -18.19
N CYS A 47 6.00 18.82 -18.04
CA CYS A 47 5.51 18.22 -16.84
C CYS A 47 6.62 17.65 -15.99
N PHE A 48 7.16 18.40 -15.04
CA PHE A 48 8.15 17.78 -14.21
C PHE A 48 7.49 17.30 -12.96
N PHE A 49 7.23 16.02 -12.84
CA PHE A 49 6.66 15.52 -11.62
C PHE A 49 7.78 15.37 -10.62
N GLU A 50 9.02 15.30 -11.09
CA GLU A 50 10.23 15.40 -10.25
C GLU A 50 10.75 16.76 -10.68
N ALA A 51 11.39 17.60 -9.89
CA ALA A 51 11.78 18.90 -10.40
C ALA A 51 13.28 18.89 -10.66
N SER A 52 13.73 19.63 -11.68
CA SER A 52 15.12 19.72 -12.09
C SER A 52 15.16 21.06 -12.74
N THR A 53 15.84 22.05 -12.22
CA THR A 53 15.73 23.32 -12.87
C THR A 53 16.52 23.40 -14.15
N ARG A 54 17.73 22.89 -14.21
CA ARG A 54 18.53 23.02 -15.41
C ARG A 54 17.94 22.30 -16.60
N THR A 55 17.28 21.14 -16.38
CA THR A 55 16.67 20.41 -17.49
C THR A 55 15.35 21.02 -17.91
N ARG A 56 14.65 21.57 -16.91
CA ARG A 56 13.42 22.21 -17.16
C ARG A 56 13.78 23.43 -17.98
N LEU A 57 14.63 24.35 -17.46
CA LEU A 57 15.05 25.50 -18.19
C LEU A 57 15.69 25.18 -19.53
N SER A 58 16.48 24.14 -19.74
CA SER A 58 17.00 23.84 -21.06
C SER A 58 15.89 23.52 -22.05
N PHE A 59 14.95 22.65 -21.72
CA PHE A 59 13.92 22.19 -22.63
C PHE A 59 12.99 23.32 -22.94
N GLN A 60 12.63 24.14 -21.97
CA GLN A 60 11.73 25.26 -22.20
C GLN A 60 12.37 26.34 -23.06
N THR A 61 13.69 26.59 -22.94
CA THR A 61 14.40 27.49 -23.82
C THR A 61 14.29 26.87 -25.19
N SER A 62 14.63 25.61 -25.42
CA SER A 62 14.47 24.99 -26.73
C SER A 62 13.08 25.16 -27.27
N MET A 63 12.00 24.90 -26.53
CA MET A 63 10.64 25.14 -27.00
C MET A 63 10.46 26.58 -27.48
N HIS A 64 10.97 27.52 -26.69
CA HIS A 64 10.87 28.92 -27.05
C HIS A 64 11.69 29.25 -28.26
N ARG A 65 12.92 28.77 -28.42
CA ARG A 65 13.74 29.12 -29.57
C ARG A 65 13.18 28.66 -30.93
N LEU A 66 12.10 27.87 -30.92
CA LEU A 66 11.43 27.45 -32.13
C LEU A 66 10.04 28.01 -32.18
N GLY A 67 9.76 29.01 -31.38
CA GLY A 67 8.50 29.70 -31.38
C GLY A 67 7.33 28.89 -30.89
N ALA A 68 7.52 28.03 -29.88
CA ALA A 68 6.41 27.27 -29.34
C ALA A 68 5.93 27.77 -27.96
N SER A 69 4.70 27.43 -27.51
CA SER A 69 4.22 27.85 -26.22
C SER A 69 4.31 26.69 -25.29
N VAL A 70 4.55 26.99 -24.04
CA VAL A 70 4.72 25.93 -23.09
C VAL A 70 3.53 25.96 -22.11
N VAL A 71 2.89 24.88 -21.68
CA VAL A 71 2.13 24.95 -20.44
C VAL A 71 2.86 23.96 -19.52
N GLY A 72 2.88 23.87 -18.19
CA GLY A 72 3.65 22.83 -17.51
C GLY A 72 3.75 23.07 -16.01
N PHE A 73 4.49 22.25 -15.27
CA PHE A 73 4.63 22.35 -13.82
C PHE A 73 5.90 21.61 -13.36
N SER A 74 6.07 21.54 -12.03
CA SER A 74 7.13 20.82 -11.30
C SER A 74 6.68 20.58 -9.84
N ASP A 75 7.26 19.76 -8.97
CA ASP A 75 6.83 19.75 -7.58
C ASP A 75 7.85 19.18 -6.61
N SER A 76 8.10 17.85 -6.71
CA SER A 76 8.85 17.09 -5.71
C SER A 76 8.09 17.13 -4.36
N ALA A 77 6.78 17.45 -4.42
CA ALA A 77 5.86 17.64 -3.29
C ALA A 77 4.43 17.40 -3.80
N ASN A 78 3.35 17.49 -3.00
CA ASN A 78 1.99 17.40 -3.54
C ASN A 78 1.78 18.49 -4.59
N THR A 79 1.20 18.22 -5.77
CA THR A 79 0.96 19.30 -6.70
C THR A 79 -0.47 19.81 -6.47
N SER A 80 -1.45 18.89 -6.36
CA SER A 80 -2.87 19.09 -6.09
C SER A 80 -3.62 17.92 -6.73
N LEU A 81 -4.30 18.09 -7.88
CA LEU A 81 -5.11 17.06 -8.56
C LEU A 81 -4.27 15.86 -8.97
N GLY A 82 -3.05 16.24 -9.38
CA GLY A 82 -1.98 15.30 -9.61
C GLY A 82 -1.46 15.13 -8.19
N LYS A 83 -1.87 14.02 -7.60
CA LYS A 83 -1.60 13.53 -6.25
C LYS A 83 -2.98 13.07 -5.77
N LYS A 84 -4.05 13.89 -5.83
CA LYS A 84 -5.38 13.51 -5.35
C LYS A 84 -5.95 12.37 -6.19
N GLY A 85 -5.51 11.18 -5.74
CA GLY A 85 -5.86 9.87 -6.29
C GLY A 85 -5.35 9.58 -7.69
N GLU A 86 -5.00 10.62 -8.46
CA GLU A 86 -4.65 10.36 -9.81
C GLU A 86 -3.40 9.63 -10.19
N THR A 87 -3.83 8.65 -10.96
CA THR A 87 -2.92 7.76 -11.62
C THR A 87 -2.32 8.55 -12.78
N LEU A 88 -1.03 8.38 -13.01
CA LEU A 88 -0.33 9.03 -14.13
C LEU A 88 -1.07 8.78 -15.42
N ALA A 89 -1.64 7.58 -15.52
CA ALA A 89 -2.47 7.21 -16.63
C ALA A 89 -3.55 8.26 -16.87
N ASP A 90 -4.32 8.64 -15.85
CA ASP A 90 -5.39 9.59 -16.05
C ASP A 90 -4.88 11.01 -16.35
N THR A 91 -3.84 11.45 -15.66
CA THR A 91 -3.16 12.71 -15.90
C THR A 91 -2.80 12.80 -17.36
N ILE A 92 -2.26 11.72 -17.92
CA ILE A 92 -1.85 11.77 -19.30
C ILE A 92 -3.05 11.70 -20.20
N SER A 93 -4.06 10.92 -19.86
CA SER A 93 -5.24 10.84 -20.69
C SER A 93 -5.87 12.20 -20.86
N VAL A 94 -5.75 13.01 -19.80
CA VAL A 94 -6.30 14.34 -19.82
C VAL A 94 -5.31 15.28 -20.47
N ILE A 95 -3.99 15.37 -20.30
CA ILE A 95 -3.23 16.43 -20.94
C ILE A 95 -3.06 16.21 -22.46
N SER A 96 -3.10 14.98 -22.95
CA SER A 96 -2.98 14.68 -24.36
C SER A 96 -4.17 15.18 -25.17
N THR A 97 -5.20 15.54 -24.42
CA THR A 97 -6.37 16.20 -24.97
C THR A 97 -6.17 17.73 -25.14
N TYR A 98 -5.10 18.31 -24.59
CA TYR A 98 -4.80 19.73 -24.63
C TYR A 98 -3.61 20.06 -25.53
N VAL A 99 -2.50 19.30 -25.33
CA VAL A 99 -1.26 19.63 -25.98
C VAL A 99 -0.80 18.76 -27.13
N ASP A 100 0.23 19.32 -27.74
CA ASP A 100 0.84 18.73 -28.92
C ASP A 100 2.00 17.78 -28.72
N ALA A 101 2.76 17.94 -27.62
CA ALA A 101 3.79 17.00 -27.26
C ALA A 101 3.85 17.07 -25.73
N ILE A 102 4.40 16.06 -25.04
CA ILE A 102 4.55 16.04 -23.61
C ILE A 102 6.03 15.77 -23.40
N VAL A 103 6.74 16.57 -22.60
CA VAL A 103 8.11 16.30 -22.14
C VAL A 103 7.85 16.02 -20.66
N MET A 104 8.38 14.94 -20.06
CA MET A 104 8.09 14.66 -18.67
C MET A 104 9.18 14.02 -17.83
N ARG A 105 9.44 14.49 -16.64
CA ARG A 105 10.45 13.92 -15.80
C ARG A 105 9.69 13.34 -14.62
N HIS A 106 10.01 12.11 -14.22
CA HIS A 106 9.26 11.53 -13.14
C HIS A 106 10.12 10.67 -12.24
N PRO A 107 9.84 10.56 -10.91
CA PRO A 107 10.57 9.70 -9.99
C PRO A 107 10.51 8.18 -10.11
N GLN A 108 9.63 7.57 -10.88
CA GLN A 108 9.54 6.11 -10.85
C GLN A 108 9.88 5.59 -12.19
N GLU A 109 10.66 4.51 -12.26
CA GLU A 109 11.14 4.06 -13.54
C GLU A 109 10.01 3.54 -14.37
N GLY A 110 9.95 3.96 -15.62
CA GLY A 110 8.93 3.48 -16.54
C GLY A 110 7.76 4.42 -16.74
N ALA A 111 7.78 5.54 -16.01
CA ALA A 111 6.78 6.57 -16.07
C ALA A 111 6.46 7.07 -17.45
N ALA A 112 7.46 7.36 -18.26
CA ALA A 112 7.22 7.86 -19.59
C ALA A 112 6.82 6.83 -20.65
N ARG A 113 7.12 5.58 -20.32
CA ARG A 113 6.73 4.47 -21.19
C ARG A 113 5.28 4.22 -20.88
N LEU A 114 4.76 4.04 -19.66
CA LEU A 114 3.31 3.96 -19.42
C LEU A 114 2.55 5.14 -20.06
N ALA A 115 3.08 6.36 -20.00
CA ALA A 115 2.48 7.52 -20.62
C ALA A 115 2.17 7.37 -22.11
N THR A 116 3.10 6.70 -22.80
CA THR A 116 3.03 6.46 -24.21
C THR A 116 1.78 5.74 -24.66
N GLU A 117 1.18 4.99 -23.72
CA GLU A 117 -0.01 4.15 -23.92
C GLU A 117 -1.29 4.92 -23.66
N PHE A 118 -1.18 6.04 -22.94
CA PHE A 118 -2.35 6.85 -22.69
C PHE A 118 -2.26 8.18 -23.45
N SER A 119 -1.17 8.59 -24.13
CA SER A 119 -1.15 9.89 -24.81
C SER A 119 -1.82 9.98 -26.18
N GLY A 120 -2.50 8.92 -26.66
CA GLY A 120 -3.13 8.91 -27.99
C GLY A 120 -2.07 9.00 -29.08
N ASN A 121 -2.07 10.08 -29.82
CA ASN A 121 -1.01 10.16 -30.81
C ASN A 121 0.00 11.18 -30.36
N VAL A 122 -0.21 11.87 -29.24
CA VAL A 122 0.69 12.91 -28.79
C VAL A 122 2.02 12.28 -28.39
N PRO A 123 3.12 12.63 -29.04
CA PRO A 123 4.41 12.15 -28.63
C PRO A 123 4.81 12.59 -27.23
N VAL A 124 5.44 11.69 -26.49
CA VAL A 124 5.93 12.05 -25.17
C VAL A 124 7.46 11.84 -25.21
N LEU A 125 8.24 12.72 -24.62
CA LEU A 125 9.69 12.62 -24.57
C LEU A 125 10.12 12.50 -23.13
N ASN A 126 11.09 11.62 -22.90
CA ASN A 126 11.56 11.43 -21.55
C ASN A 126 12.74 12.32 -21.15
N ALA A 127 12.42 13.10 -20.11
CA ALA A 127 13.35 14.00 -19.43
C ALA A 127 14.00 13.36 -18.18
N GLY A 128 13.72 12.06 -17.94
CA GLY A 128 14.34 11.25 -16.93
C GLY A 128 13.29 10.46 -16.16
N ASP A 129 13.22 9.15 -16.34
CA ASP A 129 12.25 8.36 -15.60
C ASP A 129 12.94 7.55 -14.53
N GLY A 130 13.11 8.07 -13.32
CA GLY A 130 13.73 7.31 -12.25
C GLY A 130 15.18 6.95 -12.59
N SER A 131 15.61 5.74 -12.26
CA SER A 131 16.97 5.34 -12.53
C SER A 131 17.09 4.64 -13.85
N ASN A 132 16.09 4.70 -14.73
CA ASN A 132 16.23 3.99 -15.99
C ASN A 132 16.85 4.82 -17.12
N GLN A 133 16.10 5.71 -17.74
CA GLN A 133 16.53 6.35 -18.94
C GLN A 133 16.53 7.85 -18.81
N HIS A 134 17.41 8.42 -19.60
CA HIS A 134 17.37 9.85 -19.78
C HIS A 134 17.96 10.11 -21.16
N PRO A 135 17.22 9.79 -22.25
CA PRO A 135 17.76 9.83 -23.61
C PRO A 135 18.19 11.22 -24.08
N THR A 136 17.62 12.31 -23.56
CA THR A 136 17.96 13.69 -23.95
C THR A 136 19.30 14.30 -23.55
N GLN A 137 19.79 13.79 -22.45
CA GLN A 137 21.11 14.11 -21.93
C GLN A 137 22.20 13.45 -22.76
N THR A 138 21.98 12.22 -23.18
CA THR A 138 22.93 11.48 -23.96
C THR A 138 23.05 12.01 -25.37
N LEU A 139 21.92 12.45 -25.91
CA LEU A 139 21.94 13.13 -27.18
C LEU A 139 22.74 14.39 -27.08
N LEU A 140 22.59 15.28 -26.11
CA LEU A 140 23.53 16.37 -26.07
C LEU A 140 24.92 15.94 -25.67
N ASP A 141 25.20 14.84 -24.93
CA ASP A 141 26.59 14.45 -24.65
C ASP A 141 27.23 14.02 -25.97
N LEU A 142 26.54 13.24 -26.83
CA LEU A 142 27.07 12.76 -28.12
C LEU A 142 27.25 13.93 -29.05
N PHE A 143 26.37 14.93 -29.06
CA PHE A 143 26.56 16.07 -29.93
C PHE A 143 27.81 16.78 -29.51
N THR A 144 28.00 17.00 -28.23
CA THR A 144 29.23 17.57 -27.78
C THR A 144 30.42 16.65 -28.07
N ILE A 145 30.39 15.33 -27.91
CA ILE A 145 31.60 14.54 -28.20
C ILE A 145 31.97 14.60 -29.69
N GLN A 146 30.95 14.50 -30.53
CA GLN A 146 31.10 14.63 -31.96
C GLN A 146 31.57 16.01 -32.30
N GLN A 147 31.11 17.08 -31.71
CA GLN A 147 31.53 18.40 -32.15
C GLN A 147 32.94 18.72 -31.65
N THR A 148 33.45 18.17 -30.56
CA THR A 148 34.82 18.41 -30.16
C THR A 148 35.81 17.50 -30.87
N GLU A 149 35.42 16.23 -31.12
CA GLU A 149 36.31 15.24 -31.71
C GLU A 149 36.23 15.03 -33.22
N GLY A 150 35.08 15.24 -33.84
CA GLY A 150 34.89 15.00 -35.28
C GLY A 150 34.15 13.70 -35.60
N ARG A 151 33.92 12.84 -34.58
CA ARG A 151 33.34 11.53 -34.79
C ARG A 151 32.90 10.88 -33.51
N LEU A 152 32.11 9.80 -33.67
CA LEU A 152 31.64 8.99 -32.57
C LEU A 152 32.21 7.57 -32.66
N ASP A 153 33.27 7.40 -33.47
CA ASP A 153 33.90 6.13 -33.76
C ASP A 153 35.36 6.25 -33.37
N ASN A 154 35.97 5.20 -32.86
CA ASN A 154 37.40 5.12 -32.57
C ASN A 154 37.93 6.19 -31.62
N LEU A 155 37.14 6.28 -30.56
CA LEU A 155 37.43 7.21 -29.49
C LEU A 155 37.83 6.43 -28.23
N HIS A 156 38.70 7.02 -27.46
CA HIS A 156 39.08 6.41 -26.23
C HIS A 156 38.40 7.30 -25.23
N VAL A 157 37.29 6.84 -24.68
CA VAL A 157 36.48 7.60 -23.76
C VAL A 157 36.69 7.12 -22.31
N ALA A 158 37.01 7.93 -21.27
CA ALA A 158 37.19 7.39 -19.94
C ALA A 158 35.98 7.79 -19.11
N MET A 159 35.34 6.95 -18.29
CA MET A 159 34.12 7.35 -17.58
C MET A 159 34.54 7.33 -16.16
N VAL A 160 34.22 8.31 -15.31
CA VAL A 160 34.78 8.31 -13.96
C VAL A 160 33.74 8.49 -12.86
N GLY A 161 34.02 8.08 -11.61
CA GLY A 161 33.13 8.32 -10.46
C GLY A 161 32.17 7.19 -10.08
N ASP A 162 30.89 7.53 -9.96
CA ASP A 162 29.80 6.61 -9.62
C ASP A 162 29.25 5.90 -10.85
N LEU A 163 30.05 4.97 -11.34
CA LEU A 163 29.67 4.23 -12.52
C LEU A 163 28.53 3.29 -12.20
N LYS A 164 28.33 2.85 -10.97
CA LYS A 164 27.21 1.98 -10.62
C LYS A 164 25.82 2.58 -10.75
N TYR A 165 25.65 3.81 -10.26
CA TYR A 165 24.34 4.42 -10.21
C TYR A 165 24.07 5.55 -11.17
N GLY A 166 25.03 6.24 -11.77
CA GLY A 166 24.72 7.35 -12.64
C GLY A 166 24.03 6.91 -13.93
N ARG A 167 22.74 7.25 -14.11
CA ARG A 167 21.95 7.06 -15.35
C ARG A 167 22.72 7.29 -16.65
N THR A 168 23.35 8.47 -16.63
CA THR A 168 24.13 8.99 -17.72
C THR A 168 25.25 8.09 -18.16
N VAL A 169 26.07 7.53 -17.29
CA VAL A 169 27.21 6.74 -17.76
C VAL A 169 26.76 5.46 -18.47
N HIS A 170 25.64 4.93 -17.99
CA HIS A 170 25.08 3.69 -18.52
C HIS A 170 24.52 3.99 -19.90
N SER A 171 23.80 5.10 -20.11
CA SER A 171 23.27 5.39 -21.42
C SER A 171 24.39 5.77 -22.35
N LEU A 172 25.41 6.52 -21.93
CA LEU A 172 26.46 6.92 -22.83
C LEU A 172 27.22 5.73 -23.37
N THR A 173 27.48 4.74 -22.49
CA THR A 173 28.09 3.51 -22.93
C THR A 173 27.18 2.82 -23.94
N GLN A 174 25.90 2.52 -23.72
CA GLN A 174 25.04 1.90 -24.73
C GLN A 174 24.90 2.62 -26.06
N ALA A 175 24.98 3.93 -26.03
CA ALA A 175 24.95 4.72 -27.24
C ALA A 175 26.28 4.68 -27.94
N LEU A 176 27.44 4.88 -27.31
CA LEU A 176 28.69 4.84 -28.07
C LEU A 176 29.02 3.44 -28.55
N ALA A 177 28.46 2.43 -27.87
CA ALA A 177 28.62 1.03 -28.24
C ALA A 177 27.87 0.69 -29.53
N LYS A 178 27.12 1.65 -30.11
CA LYS A 178 26.45 1.47 -31.41
C LYS A 178 27.41 1.95 -32.48
N PHE A 179 28.50 2.65 -32.14
CA PHE A 179 29.46 3.07 -33.14
C PHE A 179 30.71 2.18 -33.02
N ASP A 180 31.67 2.38 -33.92
CA ASP A 180 32.75 1.41 -33.99
C ASP A 180 34.11 1.93 -33.54
N GLY A 181 34.86 0.99 -32.95
CA GLY A 181 36.27 1.21 -32.63
C GLY A 181 36.58 1.86 -31.30
N ASN A 182 35.54 2.06 -30.49
CA ASN A 182 35.66 2.75 -29.24
C ASN A 182 36.27 1.82 -28.18
N ARG A 183 36.99 2.52 -27.31
CA ARG A 183 37.73 1.95 -26.23
C ARG A 183 37.28 2.67 -24.95
N PHE A 184 36.94 1.95 -23.88
CA PHE A 184 36.43 2.57 -22.66
C PHE A 184 37.22 2.25 -21.41
N TYR A 185 37.62 3.25 -20.67
CA TYR A 185 38.34 3.01 -19.47
C TYR A 185 37.40 3.40 -18.38
N PHE A 186 37.12 2.50 -17.45
CA PHE A 186 36.16 2.79 -16.39
C PHE A 186 36.87 3.08 -15.05
N ILE A 187 36.81 4.27 -14.46
CA ILE A 187 37.57 4.55 -13.27
C ILE A 187 36.62 4.80 -12.15
N ALA A 188 36.34 3.79 -11.35
CA ALA A 188 35.38 3.91 -10.25
C ALA A 188 35.91 3.28 -8.97
N PRO A 189 35.48 3.83 -7.83
CA PRO A 189 35.52 3.13 -6.55
C PRO A 189 34.76 1.81 -6.71
N ASP A 190 35.33 0.71 -6.19
CA ASP A 190 34.67 -0.56 -6.41
C ASP A 190 33.34 -0.74 -5.68
N ALA A 191 33.02 0.03 -4.65
CA ALA A 191 31.65 0.05 -4.12
C ALA A 191 30.61 0.56 -5.15
N LEU A 192 31.14 1.31 -6.13
CA LEU A 192 30.41 2.02 -7.16
C LEU A 192 30.84 1.69 -8.57
N ALA A 193 31.34 0.50 -8.82
CA ALA A 193 31.77 0.15 -10.15
C ALA A 193 30.66 -0.12 -11.12
N MET A 194 31.12 -0.21 -12.35
CA MET A 194 30.24 -0.40 -13.50
C MET A 194 29.46 -1.68 -13.26
N PRO A 195 28.15 -1.77 -13.59
CA PRO A 195 27.35 -2.98 -13.51
C PRO A 195 27.85 -4.01 -14.50
N GLU A 196 27.66 -5.27 -14.10
CA GLU A 196 28.05 -6.38 -14.93
C GLU A 196 27.41 -6.30 -16.31
N TYR A 197 26.10 -6.11 -16.40
CA TYR A 197 25.44 -6.10 -17.69
C TYR A 197 25.94 -5.06 -18.70
N ILE A 198 26.50 -3.92 -18.30
CA ILE A 198 26.98 -2.96 -19.30
C ILE A 198 28.17 -3.62 -19.96
N LEU A 199 29.00 -4.18 -19.08
CA LEU A 199 30.20 -4.88 -19.45
C LEU A 199 29.81 -6.07 -20.29
N ASP A 200 28.82 -6.88 -19.93
CA ASP A 200 28.46 -8.05 -20.70
C ASP A 200 28.07 -7.76 -22.13
N MET A 201 27.33 -6.68 -22.32
CA MET A 201 26.94 -6.22 -23.64
C MET A 201 28.17 -5.80 -24.42
N LEU A 202 29.06 -5.04 -23.79
CA LEU A 202 30.29 -4.62 -24.40
C LEU A 202 31.11 -5.81 -24.87
N ASP A 203 31.15 -6.95 -24.17
CA ASP A 203 31.84 -8.09 -24.73
C ASP A 203 31.07 -8.78 -25.80
N GLU A 204 29.74 -8.74 -25.89
CA GLU A 204 29.02 -9.42 -26.96
C GLU A 204 29.35 -8.76 -28.29
N LYS A 205 29.63 -7.47 -28.23
CA LYS A 205 29.96 -6.77 -29.44
C LYS A 205 31.43 -6.72 -29.68
N GLY A 206 32.23 -7.39 -28.87
CA GLY A 206 33.68 -7.37 -29.00
C GLY A 206 34.28 -5.98 -28.80
N ILE A 207 33.68 -5.17 -27.92
CA ILE A 207 34.12 -3.80 -27.65
C ILE A 207 35.14 -3.74 -26.53
N ALA A 208 36.21 -3.01 -26.81
CA ALA A 208 37.31 -2.95 -25.87
C ALA A 208 37.11 -2.04 -24.65
N TRP A 209 37.31 -2.56 -23.43
CA TRP A 209 37.24 -1.76 -22.21
C TRP A 209 38.19 -2.26 -21.13
N SER A 210 38.61 -1.40 -20.23
CA SER A 210 39.52 -1.79 -19.17
C SER A 210 39.10 -1.09 -17.90
N LEU A 211 39.49 -1.58 -16.73
CA LEU A 211 39.18 -0.91 -15.46
C LEU A 211 40.38 -0.19 -14.85
N HIS A 212 40.29 1.03 -14.32
CA HIS A 212 41.46 1.69 -13.77
C HIS A 212 41.14 2.27 -12.42
N SER A 213 42.12 2.20 -11.58
CA SER A 213 42.04 2.67 -10.24
C SER A 213 42.13 4.18 -10.15
N SER A 214 42.69 4.89 -11.11
CA SER A 214 42.81 6.31 -11.02
C SER A 214 43.00 6.89 -12.41
N ILE A 215 42.47 8.09 -12.56
CA ILE A 215 42.54 8.82 -13.81
C ILE A 215 43.98 8.98 -14.35
N GLU A 216 45.03 9.20 -13.53
CA GLU A 216 46.40 9.38 -14.01
C GLU A 216 46.85 8.23 -14.92
N GLU A 217 46.46 6.99 -14.65
CA GLU A 217 46.78 5.82 -15.47
C GLU A 217 46.29 5.92 -16.92
N VAL A 218 45.31 6.77 -17.21
CA VAL A 218 44.85 6.86 -18.57
C VAL A 218 44.91 8.26 -19.09
N MET A 219 45.31 9.22 -18.27
CA MET A 219 45.31 10.61 -18.65
C MET A 219 45.77 10.93 -20.06
N ALA A 220 46.81 10.23 -20.49
CA ALA A 220 47.42 10.45 -21.78
C ALA A 220 46.73 9.76 -22.95
N GLU A 221 45.87 8.78 -22.70
CA GLU A 221 45.24 8.02 -23.75
C GLU A 221 43.89 8.53 -24.16
N VAL A 222 43.41 9.45 -23.36
CA VAL A 222 42.04 9.87 -23.44
C VAL A 222 41.75 11.12 -24.27
N ASP A 223 40.64 10.83 -24.95
CA ASP A 223 39.93 11.78 -25.77
C ASP A 223 38.76 12.44 -25.04
N ILE A 224 37.85 11.74 -24.37
CA ILE A 224 36.70 12.33 -23.71
C ILE A 224 36.87 11.88 -22.28
N LEU A 225 36.88 12.69 -21.25
CA LEU A 225 36.95 12.22 -19.86
C LEU A 225 35.55 12.52 -19.33
N TYR A 226 34.67 11.57 -19.06
CA TYR A 226 33.31 11.86 -18.63
C TYR A 226 33.29 11.70 -17.13
N MET A 227 33.35 12.79 -16.42
CA MET A 227 33.32 12.76 -14.98
C MET A 227 31.85 12.66 -14.60
N THR A 228 31.60 11.95 -13.52
CA THR A 228 30.29 11.75 -12.95
C THR A 228 30.43 12.09 -11.49
N ARG A 229 29.40 12.65 -10.85
CA ARG A 229 29.56 13.07 -9.47
C ARG A 229 29.46 11.92 -8.49
N VAL A 230 30.50 11.73 -7.69
CA VAL A 230 30.53 10.68 -6.67
C VAL A 230 29.51 11.18 -5.64
N GLN A 231 28.34 10.57 -5.53
CA GLN A 231 27.33 11.04 -4.60
C GLN A 231 27.55 10.54 -3.17
N LYS A 232 28.08 11.46 -2.38
CA LYS A 232 28.49 11.31 -0.98
C LYS A 232 27.77 10.37 -0.02
N GLU A 233 26.43 10.45 0.03
CA GLU A 233 25.61 9.74 1.01
C GLU A 233 25.34 8.26 0.75
N ARG A 234 25.84 7.80 -0.37
CA ARG A 234 25.74 6.40 -0.75
C ARG A 234 26.87 5.66 -0.04
N LEU A 235 27.81 6.46 0.50
CA LEU A 235 28.94 5.98 1.22
C LEU A 235 28.84 6.60 2.58
N ASP A 236 29.62 5.96 3.41
CA ASP A 236 29.83 6.39 4.76
C ASP A 236 30.69 7.65 4.59
N PRO A 237 30.58 8.75 5.35
CA PRO A 237 31.45 9.92 5.26
C PRO A 237 32.94 9.59 5.35
N SER A 238 33.27 8.71 6.28
CA SER A 238 34.63 8.26 6.47
C SER A 238 35.06 7.44 5.26
N GLU A 239 34.13 6.66 4.69
CA GLU A 239 34.41 5.78 3.56
C GLU A 239 34.78 6.56 2.29
N TYR A 240 33.88 7.52 2.07
CA TYR A 240 33.88 8.47 1.00
C TYR A 240 35.22 9.17 1.00
N ALA A 241 35.64 9.82 2.10
CA ALA A 241 36.91 10.56 2.12
C ALA A 241 38.20 9.74 2.06
N ASN A 242 38.15 8.52 2.58
CA ASN A 242 39.29 7.62 2.69
C ASN A 242 39.95 7.20 1.38
N VAL A 243 39.24 7.32 0.27
CA VAL A 243 39.72 6.77 -0.99
C VAL A 243 40.95 7.42 -1.67
N LYS A 244 42.13 6.90 -1.29
CA LYS A 244 43.48 7.14 -1.90
C LYS A 244 44.14 8.56 -1.98
N ALA A 245 43.82 9.26 -3.06
CA ALA A 245 44.23 10.61 -3.47
C ALA A 245 43.14 11.01 -4.49
N GLN A 246 41.95 10.42 -4.23
CA GLN A 246 40.73 10.52 -4.96
C GLN A 246 40.76 10.30 -6.47
N PHE A 247 39.51 10.50 -6.91
CA PHE A 247 39.04 10.44 -8.28
C PHE A 247 38.34 11.82 -8.46
N VAL A 248 39.11 12.92 -8.39
CA VAL A 248 38.63 14.27 -8.63
C VAL A 248 39.67 14.86 -9.58
N LEU A 249 39.30 15.71 -10.52
CA LEU A 249 40.22 16.28 -11.47
C LEU A 249 40.61 17.68 -11.01
N ARG A 250 41.90 17.87 -11.17
CA ARG A 250 42.56 19.09 -10.80
C ARG A 250 43.26 19.53 -12.07
N ALA A 251 43.64 20.80 -12.20
CA ALA A 251 44.27 21.26 -13.42
C ALA A 251 45.60 20.59 -13.72
N SER A 252 46.37 20.24 -12.69
CA SER A 252 47.68 19.64 -12.87
C SER A 252 47.67 18.20 -13.38
N ASP A 253 46.53 17.55 -13.33
CA ASP A 253 46.42 16.18 -13.81
C ASP A 253 46.21 16.19 -15.30
N LEU A 254 45.88 17.37 -15.81
CA LEU A 254 45.63 17.61 -17.21
C LEU A 254 46.89 17.91 -17.99
N HIS A 255 48.03 17.97 -17.32
CA HIS A 255 49.29 18.26 -17.96
C HIS A 255 49.62 17.27 -19.05
N ASN A 256 49.31 15.98 -18.86
CA ASN A 256 49.65 14.95 -19.84
C ASN A 256 48.50 14.56 -20.78
N ALA A 257 47.36 15.28 -20.69
CA ALA A 257 46.15 14.99 -21.44
C ALA A 257 46.31 15.47 -22.88
N LYS A 258 45.75 14.77 -23.88
CA LYS A 258 45.93 15.18 -25.27
C LYS A 258 45.39 16.60 -25.51
N ALA A 259 45.80 17.25 -26.59
CA ALA A 259 45.33 18.60 -26.90
C ALA A 259 43.84 18.76 -27.18
N ASN A 260 43.26 17.69 -27.72
CA ASN A 260 41.83 17.56 -28.06
C ASN A 260 40.92 16.88 -27.02
N MET A 261 41.56 16.50 -25.90
CA MET A 261 40.86 15.89 -24.78
C MET A 261 39.99 16.96 -24.15
N LYS A 262 38.72 16.65 -23.90
CA LYS A 262 37.82 17.55 -23.25
C LYS A 262 37.29 16.80 -22.07
N VAL A 263 36.92 17.54 -21.03
CA VAL A 263 36.34 17.02 -19.81
C VAL A 263 34.87 17.37 -19.91
N LEU A 264 34.06 16.37 -19.61
CA LEU A 264 32.63 16.49 -19.66
C LEU A 264 32.03 16.08 -18.32
N HIS A 265 30.91 16.64 -17.95
CA HIS A 265 30.26 16.27 -16.72
C HIS A 265 28.81 16.61 -16.96
N PRO A 266 27.80 15.84 -16.53
CA PRO A 266 26.37 16.16 -16.67
C PRO A 266 25.81 17.37 -15.89
N LEU A 267 26.66 17.84 -14.95
CA LEU A 267 26.38 18.74 -13.82
C LEU A 267 25.22 18.30 -12.89
N PRO A 268 25.11 18.68 -11.61
CA PRO A 268 26.07 19.45 -10.82
C PRO A 268 27.45 18.87 -10.59
N ARG A 269 28.43 19.76 -10.59
CA ARG A 269 29.74 19.34 -10.15
C ARG A 269 29.90 20.13 -8.84
N VAL A 270 30.77 19.62 -8.01
CA VAL A 270 31.08 20.16 -6.70
C VAL A 270 32.55 19.71 -6.59
N ASP A 271 33.05 19.13 -5.49
CA ASP A 271 34.44 18.68 -5.39
C ASP A 271 34.97 17.62 -6.39
N GLU A 272 34.23 17.19 -7.43
CA GLU A 272 34.84 16.29 -8.40
C GLU A 272 35.70 17.08 -9.37
N ILE A 273 35.40 18.32 -9.74
CA ILE A 273 36.26 19.07 -10.64
C ILE A 273 36.59 20.32 -9.82
N ALA A 274 37.86 20.64 -9.75
CA ALA A 274 38.27 21.82 -9.03
C ALA A 274 38.26 23.05 -9.97
N THR A 275 37.95 24.29 -9.55
CA THR A 275 37.98 25.52 -10.38
C THR A 275 39.10 25.72 -11.38
N ASP A 276 40.35 25.31 -11.05
CA ASP A 276 41.47 25.54 -11.96
C ASP A 276 41.33 24.74 -13.22
N VAL A 277 40.41 23.79 -13.18
CA VAL A 277 40.15 23.02 -14.36
C VAL A 277 39.36 23.95 -15.27
N ASP A 278 38.46 24.79 -14.76
CA ASP A 278 37.61 25.64 -15.58
C ASP A 278 38.37 26.53 -16.52
N LYS A 279 39.56 26.90 -16.07
CA LYS A 279 40.44 27.77 -16.85
C LYS A 279 41.13 27.15 -18.08
N THR A 280 41.51 25.87 -17.96
CA THR A 280 42.25 25.16 -19.00
C THR A 280 41.33 25.06 -20.21
N PRO A 281 41.83 24.91 -21.43
CA PRO A 281 40.98 24.73 -22.58
C PRO A 281 40.38 23.34 -22.78
N HIS A 282 40.53 22.44 -21.81
CA HIS A 282 39.98 21.10 -21.90
C HIS A 282 38.65 21.10 -21.19
N ALA A 283 38.34 22.16 -20.45
CA ALA A 283 37.11 22.28 -19.71
C ALA A 283 36.04 22.53 -20.72
N TRP A 284 35.07 21.60 -20.74
CA TRP A 284 34.00 21.67 -21.69
C TRP A 284 32.58 21.44 -21.17
N TYR A 285 32.38 21.42 -19.85
CA TYR A 285 31.08 21.05 -19.24
C TYR A 285 29.99 22.07 -19.40
N PHE A 286 30.39 23.33 -19.33
CA PHE A 286 29.41 24.38 -19.54
C PHE A 286 29.10 24.49 -21.02
N GLN A 287 30.01 24.42 -21.98
CA GLN A 287 29.66 24.35 -23.41
C GLN A 287 28.75 23.17 -23.71
N GLN A 288 29.05 22.01 -23.11
CA GLN A 288 28.21 20.81 -23.16
C GLN A 288 26.73 21.13 -22.85
N ALA A 289 26.50 21.68 -21.65
CA ALA A 289 25.23 22.25 -21.17
C ALA A 289 24.47 23.17 -22.16
N GLY A 290 25.25 24.04 -22.78
CA GLY A 290 24.82 24.88 -23.86
C GLY A 290 24.39 24.06 -25.05
N ASN A 291 25.05 22.95 -25.41
CA ASN A 291 24.55 22.14 -26.52
C ASN A 291 23.24 21.44 -26.23
N GLY A 292 22.82 21.51 -24.96
CA GLY A 292 21.52 21.03 -24.51
C GLY A 292 20.42 21.65 -25.35
N ILE A 293 20.46 22.98 -25.52
CA ILE A 293 19.52 23.70 -26.34
C ILE A 293 19.47 23.08 -27.75
N PHE A 294 20.55 23.17 -28.51
CA PHE A 294 20.59 22.67 -29.87
C PHE A 294 20.19 21.23 -30.02
N ALA A 295 20.63 20.35 -29.15
CA ALA A 295 20.24 18.94 -29.26
C ALA A 295 18.74 18.81 -29.02
N ARG A 296 18.17 19.47 -28.00
CA ARG A 296 16.75 19.27 -27.74
C ARG A 296 15.89 19.96 -28.82
N GLN A 297 16.37 21.03 -29.42
CA GLN A 297 15.68 21.66 -30.53
C GLN A 297 15.55 20.70 -31.69
N ALA A 298 16.57 19.92 -31.98
CA ALA A 298 16.54 18.97 -33.07
C ALA A 298 15.43 17.99 -32.85
N LEU A 299 15.45 17.36 -31.69
CA LEU A 299 14.48 16.37 -31.28
C LEU A 299 13.05 16.91 -31.31
N LEU A 300 12.82 18.13 -30.80
CA LEU A 300 11.49 18.72 -30.88
C LEU A 300 11.10 19.01 -32.32
N ALA A 301 12.07 19.48 -33.12
CA ALA A 301 11.79 19.88 -34.47
C ALA A 301 11.42 18.66 -35.26
N LEU A 302 12.16 17.58 -35.06
CA LEU A 302 11.94 16.31 -35.73
C LEU A 302 10.67 15.56 -35.36
N VAL A 303 10.31 15.42 -34.09
CA VAL A 303 9.13 14.70 -33.70
C VAL A 303 7.94 15.47 -34.20
N LEU A 304 7.96 16.78 -34.08
CA LEU A 304 6.82 17.61 -34.46
C LEU A 304 6.73 18.13 -35.85
N ASN A 305 7.71 17.86 -36.70
CA ASN A 305 7.73 18.32 -38.08
C ASN A 305 7.88 17.27 -39.15
N ARG A 306 7.02 17.41 -40.18
CA ARG A 306 6.96 16.40 -41.25
C ARG A 306 8.29 16.19 -41.97
N ASP A 307 8.86 17.25 -42.56
CA ASP A 307 10.09 17.14 -43.33
C ASP A 307 10.81 18.37 -42.83
N LEU A 308 12.08 18.27 -42.50
CA LEU A 308 12.79 19.44 -42.02
C LEU A 308 13.61 19.91 -43.18
N VAL A 309 13.47 21.15 -43.63
CA VAL A 309 14.37 21.65 -44.66
C VAL A 309 15.21 22.66 -43.88
N LEU A 310 16.51 22.43 -43.88
CA LEU A 310 17.43 23.18 -43.07
C LEU A 310 18.71 23.37 -43.93
N GLY B 8 -4.69 -41.24 -14.33
CA GLY B 8 -5.21 -40.20 -15.20
C GLY B 8 -6.50 -40.74 -15.81
N VAL B 9 -7.40 -39.86 -16.27
CA VAL B 9 -8.75 -40.28 -16.69
C VAL B 9 -9.02 -40.50 -18.21
N GLU B 10 -10.32 -40.51 -18.59
CA GLU B 10 -10.84 -40.78 -19.94
C GLU B 10 -11.80 -39.67 -20.47
N ALA B 11 -12.35 -39.94 -21.66
CA ALA B 11 -13.21 -39.09 -22.52
C ALA B 11 -14.19 -37.95 -22.25
N ILE B 12 -13.97 -37.00 -23.15
CA ILE B 12 -14.72 -35.77 -23.37
C ILE B 12 -14.73 -35.70 -24.90
N LYS B 13 -15.69 -35.10 -25.60
CA LYS B 13 -15.54 -34.94 -27.05
C LYS B 13 -15.22 -33.47 -27.12
N ARG B 14 -14.15 -33.21 -27.88
CA ARG B 14 -13.66 -31.87 -28.18
C ARG B 14 -13.11 -31.12 -27.00
N GLY B 15 -11.86 -30.73 -27.03
CA GLY B 15 -11.37 -29.95 -25.93
C GLY B 15 -9.92 -30.20 -25.70
N THR B 16 -9.37 -29.51 -24.72
CA THR B 16 -7.95 -29.62 -24.50
C THR B 16 -7.74 -30.50 -23.30
N VAL B 17 -6.68 -31.29 -23.32
CA VAL B 17 -6.26 -32.00 -22.14
C VAL B 17 -4.79 -31.67 -21.99
N ILE B 18 -4.49 -31.11 -20.82
CA ILE B 18 -3.17 -30.68 -20.42
C ILE B 18 -2.77 -31.73 -19.42
N ASP B 19 -1.86 -32.59 -19.81
CA ASP B 19 -1.45 -33.66 -18.93
C ASP B 19 0.02 -33.41 -18.58
N HIS B 20 0.40 -33.99 -17.45
CA HIS B 20 1.67 -33.82 -16.76
C HIS B 20 2.17 -32.39 -16.66
N ILE B 21 1.38 -31.88 -15.74
CA ILE B 21 1.67 -30.62 -15.12
C ILE B 21 2.32 -31.12 -13.83
N PRO B 22 3.50 -30.64 -13.37
CA PRO B 22 4.28 -31.17 -12.27
C PRO B 22 3.46 -31.74 -11.12
N ALA B 23 3.11 -30.95 -10.12
CA ALA B 23 2.22 -31.30 -9.01
C ALA B 23 2.31 -30.01 -8.21
N GLN B 24 1.21 -29.53 -7.60
CA GLN B 24 1.08 -28.20 -6.97
C GLN B 24 1.22 -27.03 -7.95
N ILE B 25 1.45 -27.28 -9.26
CA ILE B 25 1.46 -26.28 -10.34
C ILE B 25 0.10 -26.28 -11.01
N GLY B 26 -0.62 -27.41 -11.04
CA GLY B 26 -1.96 -27.51 -11.67
C GLY B 26 -2.95 -26.46 -11.17
N PHE B 27 -2.88 -26.12 -9.89
CA PHE B 27 -3.70 -25.06 -9.33
C PHE B 27 -3.18 -23.68 -9.74
N LYS B 28 -1.83 -23.42 -9.72
CA LYS B 28 -1.23 -22.15 -10.14
C LYS B 28 -1.84 -21.85 -11.51
N LEU B 29 -1.64 -22.71 -12.52
CA LEU B 29 -2.16 -22.52 -13.86
C LEU B 29 -3.67 -22.20 -13.94
N LEU B 30 -4.49 -22.84 -13.12
CA LEU B 30 -5.90 -22.56 -13.07
C LEU B 30 -6.18 -21.15 -12.56
N SER B 31 -5.39 -20.81 -11.55
CA SER B 31 -5.54 -19.56 -10.82
C SER B 31 -5.15 -18.36 -11.66
N LEU B 32 -3.98 -18.58 -12.28
CA LEU B 32 -3.20 -17.61 -13.02
C LEU B 32 -3.78 -17.25 -14.38
N PHE B 33 -3.98 -18.25 -15.23
CA PHE B 33 -4.46 -17.94 -16.56
C PHE B 33 -5.98 -17.97 -16.61
N LYS B 34 -6.64 -17.96 -15.45
CA LYS B 34 -8.09 -17.89 -15.33
C LYS B 34 -8.87 -18.89 -16.18
N LEU B 35 -8.36 -20.11 -16.35
CA LEU B 35 -9.01 -21.11 -17.22
C LEU B 35 -10.37 -21.53 -16.69
N THR B 36 -10.59 -21.17 -15.44
CA THR B 36 -11.78 -21.42 -14.67
C THR B 36 -12.96 -20.51 -14.96
N GLU B 37 -12.86 -19.47 -15.81
CA GLU B 37 -13.97 -18.54 -16.02
C GLU B 37 -14.73 -18.78 -17.30
N THR B 38 -15.05 -20.05 -17.50
CA THR B 38 -15.83 -20.50 -18.63
C THR B 38 -17.11 -21.09 -18.02
N ASP B 39 -18.04 -21.36 -18.92
CA ASP B 39 -19.27 -22.07 -18.57
C ASP B 39 -19.17 -23.56 -18.91
N GLN B 40 -18.08 -23.96 -19.58
CA GLN B 40 -17.88 -25.32 -19.99
C GLN B 40 -17.39 -26.21 -18.86
N ARG B 41 -17.73 -27.48 -18.95
CA ARG B 41 -17.20 -28.45 -18.03
C ARG B 41 -15.69 -28.44 -18.15
N ILE B 42 -15.11 -28.42 -16.97
CA ILE B 42 -13.70 -28.53 -16.76
C ILE B 42 -13.60 -29.66 -15.76
N THR B 43 -12.69 -30.60 -15.93
CA THR B 43 -12.44 -31.58 -14.91
C THR B 43 -10.98 -31.38 -14.59
N ILE B 44 -10.61 -31.46 -13.33
CA ILE B 44 -9.25 -31.20 -12.88
C ILE B 44 -8.99 -32.45 -12.08
N GLY B 45 -7.78 -32.94 -12.18
CA GLY B 45 -7.36 -34.11 -11.46
C GLY B 45 -6.04 -33.69 -10.87
N LEU B 46 -5.89 -33.86 -9.55
CA LEU B 46 -4.73 -33.37 -8.81
C LEU B 46 -4.00 -34.52 -8.13
N ASN B 47 -2.67 -34.59 -8.30
CA ASN B 47 -1.82 -35.55 -7.62
C ASN B 47 -2.27 -36.96 -8.02
N LEU B 48 -2.26 -37.19 -9.33
CA LEU B 48 -2.62 -38.45 -9.97
C LEU B 48 -1.36 -39.24 -10.27
N PRO B 49 -1.42 -40.59 -10.29
CA PRO B 49 -0.59 -41.43 -11.13
C PRO B 49 -1.24 -41.78 -12.49
N SER B 50 -0.29 -42.09 -13.39
CA SER B 50 -0.35 -42.54 -14.80
C SER B 50 0.26 -41.50 -15.75
N GLY B 51 1.50 -41.17 -15.40
CA GLY B 51 2.41 -40.30 -16.13
C GLY B 51 3.71 -40.52 -15.37
N GLU B 52 4.88 -40.68 -16.03
CA GLU B 52 6.07 -40.95 -15.24
C GLU B 52 6.77 -39.75 -14.65
N MET B 53 6.64 -40.02 -13.35
CA MET B 53 6.96 -39.24 -12.17
C MET B 53 5.92 -39.73 -11.14
N GLY B 54 4.91 -40.51 -11.55
CA GLY B 54 3.91 -41.03 -10.66
C GLY B 54 2.91 -39.91 -10.52
N ARG B 55 3.25 -38.93 -9.65
CA ARG B 55 2.49 -37.73 -9.28
C ARG B 55 2.40 -36.61 -10.33
N LYS B 56 1.17 -36.19 -10.64
CA LYS B 56 0.93 -35.17 -11.66
C LYS B 56 -0.42 -34.48 -11.46
N ASP B 57 -0.66 -33.36 -12.15
CA ASP B 57 -1.95 -32.70 -12.14
C ASP B 57 -2.37 -32.76 -13.61
N LEU B 58 -3.66 -32.73 -13.90
CA LEU B 58 -4.14 -32.82 -15.25
C LEU B 58 -5.38 -31.95 -15.31
N ILE B 59 -5.63 -31.31 -16.43
CA ILE B 59 -6.77 -30.42 -16.58
C ILE B 59 -7.46 -30.75 -17.91
N LYS B 60 -8.79 -30.97 -17.92
CA LYS B 60 -9.60 -31.23 -19.10
C LYS B 60 -10.67 -30.14 -19.30
N ILE B 61 -10.57 -29.32 -20.36
CA ILE B 61 -11.51 -28.22 -20.59
C ILE B 61 -12.16 -28.57 -21.91
N GLU B 62 -13.48 -28.78 -21.92
CA GLU B 62 -14.08 -29.22 -23.17
C GLU B 62 -14.47 -27.99 -23.96
N ASN B 63 -14.59 -28.15 -25.28
CA ASN B 63 -15.00 -27.14 -26.26
C ASN B 63 -14.12 -25.91 -26.33
N THR B 64 -13.00 -25.97 -25.65
CA THR B 64 -12.07 -24.86 -25.60
C THR B 64 -10.83 -25.51 -26.22
N PHE B 65 -10.13 -24.81 -27.09
CA PHE B 65 -8.88 -25.27 -27.65
C PHE B 65 -7.88 -24.12 -27.41
N LEU B 66 -6.65 -24.41 -26.93
CA LEU B 66 -5.71 -23.35 -26.61
C LEU B 66 -4.79 -23.09 -27.77
N SER B 67 -4.61 -21.81 -27.99
CA SER B 67 -3.77 -21.37 -29.07
C SER B 67 -2.31 -21.61 -28.77
N GLU B 68 -1.52 -21.50 -29.82
CA GLU B 68 -0.08 -21.72 -29.86
C GLU B 68 0.65 -20.92 -28.80
N ASP B 69 0.29 -19.66 -28.68
CA ASP B 69 0.90 -18.79 -27.71
C ASP B 69 0.40 -19.07 -26.29
N GLN B 70 -0.85 -19.55 -26.12
CA GLN B 70 -1.40 -19.84 -24.81
C GLN B 70 -0.70 -21.07 -24.28
N VAL B 71 -0.41 -21.99 -25.20
CA VAL B 71 0.39 -23.16 -24.93
C VAL B 71 1.72 -22.66 -24.40
N ASP B 72 2.33 -21.70 -25.07
CA ASP B 72 3.64 -21.23 -24.63
C ASP B 72 3.64 -20.52 -23.29
N GLN B 73 2.51 -20.04 -22.79
CA GLN B 73 2.53 -19.36 -21.50
C GLN B 73 2.76 -20.31 -20.34
N LEU B 74 2.54 -21.60 -20.62
CA LEU B 74 2.70 -22.62 -19.59
C LEU B 74 4.14 -22.88 -19.27
N ALA B 75 4.97 -22.79 -20.31
CA ALA B 75 6.39 -23.09 -20.27
C ALA B 75 7.19 -22.75 -19.01
N LEU B 76 7.02 -21.62 -18.31
CA LEU B 76 7.82 -21.32 -17.11
C LEU B 76 7.56 -22.21 -15.90
N TYR B 77 6.27 -22.61 -15.88
CA TYR B 77 5.60 -23.42 -14.86
C TYR B 77 5.64 -24.92 -15.14
N ALA B 78 5.11 -25.34 -16.28
CA ALA B 78 4.99 -26.72 -16.65
C ALA B 78 5.59 -26.86 -18.05
N PRO B 79 6.89 -26.97 -18.22
CA PRO B 79 7.55 -27.01 -19.52
C PRO B 79 7.38 -28.34 -20.24
N GLN B 80 6.98 -29.40 -19.52
CA GLN B 80 6.82 -30.70 -20.15
C GLN B 80 5.38 -31.12 -20.24
N ALA B 81 4.52 -30.11 -20.17
CA ALA B 81 3.11 -30.30 -20.25
C ALA B 81 2.80 -30.71 -21.69
N THR B 82 1.91 -31.69 -21.87
CA THR B 82 1.50 -32.05 -23.20
C THR B 82 0.09 -31.51 -23.31
N VAL B 83 -0.11 -30.80 -24.41
CA VAL B 83 -1.36 -30.13 -24.64
C VAL B 83 -2.02 -30.87 -25.78
N ASN B 84 -2.85 -31.84 -25.42
CA ASN B 84 -3.52 -32.71 -26.36
C ASN B 84 -4.79 -32.05 -26.81
N ARG B 85 -5.02 -32.10 -28.11
CA ARG B 85 -6.16 -31.50 -28.76
C ARG B 85 -7.14 -32.60 -29.11
N ILE B 86 -8.31 -32.60 -28.52
CA ILE B 86 -9.26 -33.67 -28.69
C ILE B 86 -10.41 -33.21 -29.56
N ASP B 87 -10.75 -34.07 -30.50
CA ASP B 87 -11.92 -33.90 -31.34
C ASP B 87 -12.41 -35.32 -31.55
N ASN B 88 -13.73 -35.44 -31.38
CA ASN B 88 -14.43 -36.70 -31.58
C ASN B 88 -13.84 -37.84 -30.72
N TYR B 89 -13.59 -37.56 -29.43
CA TYR B 89 -12.96 -38.46 -28.45
C TYR B 89 -11.49 -38.88 -28.59
N GLU B 90 -10.87 -38.54 -29.73
CA GLU B 90 -9.48 -38.90 -29.97
C GLU B 90 -8.57 -37.67 -30.11
N VAL B 91 -7.32 -37.92 -29.72
CA VAL B 91 -6.24 -36.92 -29.67
C VAL B 91 -5.81 -36.63 -31.12
N VAL B 92 -6.35 -35.58 -31.72
CA VAL B 92 -6.00 -35.20 -33.07
C VAL B 92 -4.86 -34.13 -33.08
N GLY B 93 -3.99 -34.11 -32.05
CA GLY B 93 -2.91 -33.13 -31.95
C GLY B 93 -2.27 -33.12 -30.57
N LYS B 94 -0.96 -32.85 -30.50
CA LYS B 94 -0.20 -32.85 -29.27
C LYS B 94 0.80 -31.71 -29.35
N SER B 95 0.89 -30.80 -28.37
CA SER B 95 1.92 -29.77 -28.39
C SER B 95 2.63 -29.80 -27.06
N ARG B 96 3.79 -29.22 -27.04
CA ARG B 96 4.53 -29.05 -25.81
C ARG B 96 4.71 -27.55 -25.71
N PRO B 97 4.74 -26.95 -24.54
CA PRO B 97 5.23 -25.61 -24.39
C PRO B 97 6.69 -25.29 -24.70
N SER B 98 6.80 -24.38 -25.68
CA SER B 98 8.07 -23.78 -26.06
C SER B 98 8.27 -22.55 -25.18
N LEU B 99 9.42 -21.87 -25.17
CA LEU B 99 9.62 -20.68 -24.35
C LEU B 99 9.11 -19.46 -25.11
N PRO B 100 8.32 -18.54 -24.55
CA PRO B 100 7.78 -17.39 -25.29
C PRO B 100 8.75 -16.19 -25.32
N GLU B 101 8.52 -15.17 -26.17
CA GLU B 101 9.41 -13.99 -26.16
C GLU B 101 8.95 -12.94 -25.15
N ARG B 102 7.68 -13.08 -24.74
CA ARG B 102 7.03 -12.09 -23.91
C ARG B 102 6.03 -12.85 -23.08
N ILE B 103 6.20 -12.79 -21.74
CA ILE B 103 5.20 -13.30 -20.79
C ILE B 103 4.46 -12.06 -20.29
N ASP B 104 3.51 -11.76 -21.14
CA ASP B 104 2.62 -10.67 -20.93
C ASP B 104 1.66 -11.14 -19.82
N ASN B 105 1.33 -10.22 -18.93
CA ASN B 105 0.30 -10.34 -17.89
C ASN B 105 0.38 -11.07 -16.58
N VAL B 106 1.12 -12.16 -16.46
CA VAL B 106 1.02 -12.92 -15.24
C VAL B 106 2.11 -12.73 -14.17
N LEU B 107 3.13 -11.88 -14.36
CA LEU B 107 4.22 -11.69 -13.38
C LEU B 107 4.29 -10.31 -12.73
N VAL B 108 5.00 -10.14 -11.62
CA VAL B 108 5.13 -8.83 -10.99
C VAL B 108 6.62 -8.53 -10.92
N CYS B 109 6.95 -7.35 -11.44
CA CYS B 109 8.29 -6.83 -11.47
C CYS B 109 8.74 -6.68 -10.03
N PRO B 110 9.84 -7.30 -9.71
CA PRO B 110 10.39 -7.19 -8.41
C PRO B 110 10.93 -5.83 -8.08
N ASN B 111 11.14 -4.91 -9.02
CA ASN B 111 11.68 -3.58 -8.71
C ASN B 111 10.53 -2.71 -8.12
N SER B 112 10.65 -2.37 -6.83
CA SER B 112 9.56 -1.64 -6.20
C SER B 112 9.32 -0.24 -6.81
N ASN B 113 10.30 0.38 -7.50
CA ASN B 113 10.04 1.71 -8.01
C ASN B 113 9.52 1.72 -9.44
N CYS B 114 9.14 0.56 -9.93
CA CYS B 114 8.63 0.49 -11.27
C CYS B 114 7.25 1.13 -11.19
N ILE B 115 6.93 1.92 -12.18
CA ILE B 115 5.64 2.56 -12.28
C ILE B 115 4.54 1.53 -12.35
N SER B 116 4.77 0.31 -12.90
CA SER B 116 3.74 -0.69 -13.15
C SER B 116 2.79 -1.01 -12.01
N HIS B 117 3.38 -1.11 -10.83
CA HIS B 117 2.70 -1.51 -9.61
C HIS B 117 1.38 -0.80 -9.32
N ALA B 118 1.48 0.52 -9.38
CA ALA B 118 0.35 1.35 -9.06
C ALA B 118 -0.68 1.47 -10.19
N GLU B 119 -0.47 0.91 -11.36
CA GLU B 119 -1.27 1.38 -12.44
C GLU B 119 -2.02 0.32 -13.26
N PRO B 120 -3.05 0.75 -14.02
CA PRO B 120 -3.76 -0.04 -15.04
C PRO B 120 -3.05 -0.65 -16.24
N VAL B 121 -1.85 -1.17 -16.02
CA VAL B 121 -1.06 -1.74 -17.09
C VAL B 121 -0.87 -3.19 -16.72
N SER B 122 -0.97 -4.03 -17.75
CA SER B 122 -0.69 -5.45 -17.64
C SER B 122 0.82 -5.51 -17.70
N SER B 123 1.39 -6.35 -16.84
CA SER B 123 2.82 -6.53 -16.87
C SER B 123 3.32 -7.15 -18.18
N SER B 124 4.60 -6.96 -18.47
CA SER B 124 5.19 -7.52 -19.65
C SER B 124 6.69 -7.57 -19.37
N PHE B 125 7.20 -8.74 -19.75
CA PHE B 125 8.59 -9.06 -19.60
C PHE B 125 9.11 -9.73 -20.86
N ALA B 126 10.21 -9.31 -21.43
CA ALA B 126 10.76 -10.06 -22.54
C ALA B 126 11.55 -11.21 -21.93
N VAL B 127 11.27 -12.39 -22.45
CA VAL B 127 11.89 -13.60 -21.95
C VAL B 127 13.09 -13.85 -22.83
N ARG B 128 14.21 -14.30 -22.25
CA ARG B 128 15.34 -14.68 -23.07
C ARG B 128 16.31 -15.63 -22.35
N LYS B 129 16.91 -16.50 -23.19
CA LYS B 129 17.87 -17.59 -22.90
C LYS B 129 17.08 -18.84 -22.55
N ARG B 130 17.46 -20.04 -23.03
CA ARG B 130 16.66 -21.23 -22.75
C ARG B 130 17.19 -22.12 -21.62
N ALA B 131 16.21 -22.55 -20.78
CA ALA B 131 16.34 -23.43 -19.61
C ALA B 131 17.34 -23.06 -18.48
N ASN B 132 18.67 -22.96 -18.76
CA ASN B 132 19.76 -22.70 -17.78
C ASN B 132 19.50 -21.49 -16.85
N ASP B 133 19.14 -20.36 -17.44
CA ASP B 133 18.65 -19.23 -16.72
C ASP B 133 17.83 -18.54 -17.76
N ILE B 134 16.73 -18.02 -17.24
CA ILE B 134 15.81 -17.27 -18.04
C ILE B 134 15.86 -15.88 -17.43
N ALA B 135 16.21 -14.90 -18.25
CA ALA B 135 16.20 -13.52 -17.86
C ALA B 135 14.93 -12.92 -18.46
N LEU B 136 14.23 -12.29 -17.52
CA LEU B 136 12.94 -11.62 -17.69
C LEU B 136 13.16 -10.13 -17.57
N LYS B 137 12.94 -9.36 -18.64
CA LYS B 137 13.19 -7.94 -18.61
C LYS B 137 11.89 -7.16 -18.60
N CYS B 138 11.63 -6.35 -17.57
CA CYS B 138 10.42 -5.56 -17.50
C CYS B 138 10.38 -4.52 -18.62
N LYS B 139 9.19 -4.45 -19.20
CA LYS B 139 8.90 -3.54 -20.25
C LYS B 139 9.05 -2.09 -19.82
N TYR B 140 8.51 -1.77 -18.63
CA TYR B 140 8.44 -0.36 -18.23
C TYR B 140 9.74 0.19 -17.67
N CYS B 141 10.27 -0.40 -16.59
CA CYS B 141 11.49 0.09 -16.02
C CYS B 141 12.75 -0.40 -16.75
N GLU B 142 12.58 -1.31 -17.72
CA GLU B 142 13.61 -1.88 -18.58
C GLU B 142 14.71 -2.59 -17.81
N LYS B 143 14.37 -3.12 -16.60
CA LYS B 143 15.27 -3.83 -15.69
C LYS B 143 15.18 -5.32 -15.99
N GLU B 144 16.33 -6.02 -15.99
CA GLU B 144 16.47 -7.45 -16.32
C GLU B 144 16.41 -8.21 -15.00
N PHE B 145 15.75 -9.34 -14.79
CA PHE B 145 15.80 -10.04 -13.52
C PHE B 145 15.88 -11.50 -13.81
N SER B 146 16.46 -12.23 -12.89
CA SER B 146 16.48 -13.66 -13.05
C SER B 146 15.08 -14.12 -12.75
N HIS B 147 14.60 -15.04 -13.58
CA HIS B 147 13.26 -15.58 -13.42
C HIS B 147 13.07 -16.11 -12.01
N ASN B 148 14.16 -16.49 -11.36
CA ASN B 148 14.17 -16.94 -9.97
C ASN B 148 13.56 -15.88 -9.06
N VAL B 149 13.88 -14.61 -9.24
CA VAL B 149 13.36 -13.61 -8.35
C VAL B 149 11.95 -13.19 -8.74
N VAL B 150 11.65 -13.06 -10.02
CA VAL B 150 10.35 -12.58 -10.45
C VAL B 150 9.17 -13.50 -10.09
N LEU B 151 9.58 -14.78 -10.24
CA LEU B 151 8.72 -15.94 -10.00
C LEU B 151 8.81 -16.40 -8.55
N ALA B 152 8.75 -15.38 -7.68
CA ALA B 152 8.82 -15.53 -6.23
C ALA B 152 8.01 -14.38 -5.58
N ASN B 153 7.97 -13.15 -6.14
CA ASN B 153 7.15 -12.00 -5.73
C ASN B 153 7.54 -10.79 -6.62
N ALA C 1 -8.62 -13.76 44.30
CA ALA C 1 -8.08 -12.75 43.39
C ALA C 1 -9.31 -11.88 43.17
N ASN C 2 -9.10 -10.65 42.72
CA ASN C 2 -10.21 -9.78 42.36
C ASN C 2 -10.60 -10.10 40.90
N PRO C 3 -11.80 -9.89 40.37
CA PRO C 3 -12.18 -10.31 39.05
C PRO C 3 -11.47 -9.59 37.92
N LEU C 4 -11.05 -8.32 38.07
CA LEU C 4 -10.35 -7.58 37.00
C LEU C 4 -8.83 -7.76 37.04
N TYR C 5 -8.29 -8.60 37.93
CA TYR C 5 -6.87 -8.84 38.01
C TYR C 5 -6.27 -9.21 36.66
N GLN C 6 -5.18 -8.58 36.22
CA GLN C 6 -4.41 -9.04 35.06
C GLN C 6 -5.18 -9.15 33.75
N LYS C 7 -6.26 -8.39 33.75
CA LYS C 7 -7.19 -8.36 32.67
C LYS C 7 -6.88 -7.10 31.92
N HIS C 8 -7.10 -7.14 30.60
CA HIS C 8 -6.79 -6.06 29.70
C HIS C 8 -8.09 -5.29 29.54
N ILE C 9 -8.15 -3.98 29.73
CA ILE C 9 -9.38 -3.21 29.56
C ILE C 9 -9.33 -2.68 28.14
N ILE C 10 -10.10 -3.25 27.23
CA ILE C 10 -10.11 -2.76 25.87
C ILE C 10 -11.41 -2.09 25.48
N SER C 11 -12.53 -2.57 26.00
CA SER C 11 -13.76 -2.06 25.52
C SER C 11 -14.73 -1.94 26.64
N ILE C 12 -15.72 -1.08 26.50
CA ILE C 12 -16.79 -1.02 27.47
C ILE C 12 -17.67 -2.26 27.27
N ASN C 13 -17.67 -2.79 26.06
CA ASN C 13 -18.48 -3.93 25.69
C ASN C 13 -18.07 -5.22 26.35
N ASP C 14 -16.84 -5.26 26.87
CA ASP C 14 -16.32 -6.46 27.51
C ASP C 14 -16.44 -6.31 29.01
N LEU C 15 -16.95 -5.21 29.55
CA LEU C 15 -17.01 -5.06 30.99
C LEU C 15 -18.46 -5.22 31.34
N SER C 16 -18.69 -5.89 32.46
CA SER C 16 -20.04 -6.16 32.91
C SER C 16 -20.50 -5.12 33.90
N ARG C 17 -21.80 -5.07 34.17
CA ARG C 17 -22.38 -4.21 35.17
C ARG C 17 -21.61 -4.33 36.48
N ASP C 18 -21.24 -5.53 36.88
CA ASP C 18 -20.55 -5.79 38.14
C ASP C 18 -19.14 -5.27 38.13
N ASP C 19 -18.51 -5.34 36.98
CA ASP C 19 -17.18 -4.78 36.85
C ASP C 19 -17.31 -3.29 36.89
N LEU C 20 -18.33 -2.68 36.23
CA LEU C 20 -18.48 -1.24 36.27
C LEU C 20 -18.62 -0.82 37.72
N ASN C 21 -19.41 -1.58 38.48
CA ASN C 21 -19.62 -1.27 39.87
C ASN C 21 -18.40 -1.46 40.72
N LEU C 22 -17.60 -2.51 40.54
CA LEU C 22 -16.38 -2.67 41.30
C LEU C 22 -15.37 -1.59 40.97
N VAL C 23 -15.09 -1.21 39.70
CA VAL C 23 -14.13 -0.17 39.35
C VAL C 23 -14.60 1.14 39.97
N LEU C 24 -15.91 1.44 39.96
CA LEU C 24 -16.45 2.68 40.55
C LEU C 24 -16.45 2.68 42.08
N ALA C 25 -16.61 1.52 42.73
CA ALA C 25 -16.52 1.46 44.18
C ALA C 25 -15.09 1.55 44.69
N THR C 26 -14.11 1.00 43.96
CA THR C 26 -12.70 1.19 44.24
C THR C 26 -12.39 2.67 44.16
N ALA C 27 -12.60 3.34 43.04
CA ALA C 27 -12.33 4.76 42.89
C ALA C 27 -12.82 5.64 44.05
N ALA C 28 -14.02 5.29 44.53
CA ALA C 28 -14.61 5.91 45.69
C ALA C 28 -13.69 5.77 46.88
N LYS C 29 -13.16 4.57 47.21
CA LYS C 29 -12.30 4.41 48.37
C LYS C 29 -10.95 5.00 48.15
N LEU C 30 -10.47 5.05 46.91
CA LEU C 30 -9.21 5.67 46.55
C LEU C 30 -9.20 7.16 46.53
N LYS C 31 -10.43 7.70 46.42
CA LYS C 31 -10.56 9.13 46.42
C LYS C 31 -10.58 9.57 47.85
N ALA C 32 -11.18 8.74 48.69
CA ALA C 32 -11.27 9.01 50.13
C ALA C 32 -10.05 8.72 51.03
N ASN C 33 -9.47 7.50 50.92
CA ASN C 33 -8.27 7.12 51.62
C ASN C 33 -7.25 6.63 50.58
N PRO C 34 -6.38 7.54 50.16
CA PRO C 34 -5.41 7.30 49.08
C PRO C 34 -4.25 6.37 49.43
N GLN C 35 -3.76 5.53 48.49
CA GLN C 35 -2.78 4.47 48.72
C GLN C 35 -1.49 4.67 47.93
N PRO C 36 -0.65 5.61 48.34
CA PRO C 36 0.39 6.16 47.48
C PRO C 36 1.64 5.31 47.23
N GLU C 37 1.69 4.07 47.74
CA GLU C 37 2.82 3.18 47.57
C GLU C 37 2.28 1.77 47.30
N LEU C 38 1.14 1.73 46.64
CA LEU C 38 0.47 0.50 46.27
C LEU C 38 1.11 -0.13 45.06
N LEU C 39 1.46 0.68 44.05
CA LEU C 39 2.06 0.16 42.83
C LEU C 39 3.53 0.54 42.88
N LYS C 40 4.07 0.63 44.10
CA LYS C 40 5.46 0.96 44.38
C LYS C 40 6.25 -0.07 43.61
N HIS C 41 7.37 0.36 43.01
CA HIS C 41 8.24 -0.52 42.24
C HIS C 41 7.64 -1.10 40.95
N LYS C 42 6.50 -0.62 40.46
CA LYS C 42 5.95 -1.06 39.18
C LYS C 42 6.31 -0.09 38.07
N VAL C 43 6.55 -0.43 36.79
CA VAL C 43 6.93 0.56 35.77
C VAL C 43 5.84 0.44 34.74
N ILE C 44 5.13 1.50 34.39
CA ILE C 44 4.06 1.38 33.44
C ILE C 44 4.47 2.08 32.17
N ALA C 45 4.13 1.56 31.01
CA ALA C 45 4.54 2.22 29.77
C ALA C 45 3.39 3.12 29.45
N SER C 46 3.59 4.39 29.18
CA SER C 46 2.49 5.16 28.70
C SER C 46 2.89 5.42 27.23
N CYS C 47 2.42 4.62 26.27
CA CYS C 47 2.72 4.73 24.85
C CYS C 47 1.64 5.44 24.09
N PHE C 48 1.67 6.75 23.97
CA PHE C 48 0.69 7.50 23.20
C PHE C 48 1.09 7.59 21.74
N PHE C 49 0.80 6.64 20.86
CA PHE C 49 1.14 6.74 19.44
C PHE C 49 0.36 7.88 18.81
N GLU C 50 -0.77 8.24 19.39
CA GLU C 50 -1.55 9.39 18.94
C GLU C 50 -1.39 10.34 20.10
N ALA C 51 -1.04 11.56 19.81
CA ALA C 51 -0.74 12.53 20.84
C ALA C 51 -1.99 12.93 21.58
N SER C 52 -2.13 12.88 22.90
CA SER C 52 -3.31 13.38 23.57
C SER C 52 -2.86 13.73 24.97
N THR C 53 -2.28 14.93 25.04
CA THR C 53 -1.75 15.43 26.27
C THR C 53 -2.78 15.45 27.38
N ARG C 54 -4.05 15.89 27.30
CA ARG C 54 -4.90 15.78 28.48
C ARG C 54 -5.14 14.35 28.99
N THR C 55 -5.39 13.34 28.15
CA THR C 55 -5.51 11.98 28.64
C THR C 55 -4.18 11.49 29.21
N ARG C 56 -3.08 11.88 28.55
CA ARG C 56 -1.75 11.48 28.95
C ARG C 56 -1.46 11.94 30.35
N LEU C 57 -1.53 13.24 30.56
CA LEU C 57 -1.36 13.84 31.85
C LEU C 57 -2.21 13.18 32.92
N SER C 58 -3.49 12.89 32.70
CA SER C 58 -4.38 12.20 33.68
C SER C 58 -3.82 10.83 34.08
N PHE C 59 -3.59 9.98 33.06
CA PHE C 59 -3.14 8.62 33.24
C PHE C 59 -1.85 8.66 34.00
N GLN C 60 -0.83 9.42 33.58
CA GLN C 60 0.43 9.56 34.29
C GLN C 60 0.36 10.15 35.71
N THR C 61 -0.55 11.10 36.00
CA THR C 61 -0.69 11.56 37.36
C THR C 61 -1.22 10.41 38.14
N SER C 62 -2.26 9.73 37.66
CA SER C 62 -2.79 8.53 38.27
C SER C 62 -1.72 7.51 38.55
N MET C 63 -0.80 7.23 37.62
CA MET C 63 0.28 6.30 37.88
C MET C 63 1.14 6.83 39.01
N HIS C 64 1.46 8.13 39.07
CA HIS C 64 2.34 8.54 40.13
C HIS C 64 1.68 8.58 41.48
N ARG C 65 0.40 8.88 41.55
CA ARG C 65 -0.40 8.86 42.77
C ARG C 65 -0.42 7.51 43.47
N LEU C 66 0.12 6.49 42.81
CA LEU C 66 0.11 5.17 43.37
C LEU C 66 1.52 4.64 43.46
N GLY C 67 2.56 5.41 43.18
CA GLY C 67 3.95 4.97 43.30
C GLY C 67 4.54 4.20 42.12
N ALA C 68 3.81 4.15 41.02
CA ALA C 68 4.33 3.49 39.85
C ALA C 68 5.33 4.43 39.13
N SER C 69 6.30 3.88 38.41
CA SER C 69 7.20 4.64 37.56
C SER C 69 6.62 4.66 36.17
N VAL C 70 6.98 5.67 35.39
CA VAL C 70 6.43 5.77 34.05
C VAL C 70 7.51 5.96 32.97
N VAL C 71 7.45 5.22 31.86
CA VAL C 71 8.36 5.42 30.71
C VAL C 71 7.41 5.62 29.50
N GLY C 72 7.70 5.80 28.21
CA GLY C 72 6.62 5.90 27.24
C GLY C 72 6.88 7.04 26.30
N PHE C 73 5.94 7.49 25.47
CA PHE C 73 6.20 8.54 24.48
C PHE C 73 4.90 9.10 23.95
N SER C 74 4.85 10.18 23.11
CA SER C 74 3.66 10.71 22.40
C SER C 74 4.17 11.00 21.02
N ASP C 75 3.52 10.49 20.01
CA ASP C 75 4.04 10.57 18.69
C ASP C 75 3.08 11.39 17.87
N SER C 76 2.49 10.92 16.74
CA SER C 76 1.75 11.72 15.77
C SER C 76 2.79 12.74 15.24
N ALA C 77 3.30 13.71 16.03
CA ALA C 77 4.43 14.55 15.66
C ALA C 77 5.72 13.72 15.87
N ASN C 78 5.90 12.75 14.95
CA ASN C 78 6.99 11.78 14.85
C ASN C 78 8.01 11.56 16.01
N THR C 79 7.96 10.42 16.74
CA THR C 79 9.06 10.07 17.65
C THR C 79 9.97 9.20 16.76
N SER C 80 9.53 7.98 16.50
CA SER C 80 10.25 7.01 15.69
C SER C 80 9.42 5.75 15.57
N LEU C 81 8.42 5.57 16.45
CA LEU C 81 7.65 4.34 16.43
C LEU C 81 6.56 4.19 15.40
N GLY C 82 6.79 3.09 14.67
CA GLY C 82 5.96 2.72 13.57
C GLY C 82 6.60 3.24 12.28
N LYS C 83 7.93 3.09 12.13
CA LYS C 83 8.63 3.42 10.88
C LYS C 83 9.66 2.30 10.69
N LYS C 84 10.28 2.28 9.48
CA LYS C 84 11.18 1.22 8.97
C LYS C 84 10.39 -0.08 8.97
N GLY C 85 9.10 0.07 8.64
CA GLY C 85 8.11 -1.00 8.62
C GLY C 85 7.96 -1.79 9.92
N GLU C 86 8.32 -1.25 11.09
CA GLU C 86 8.15 -2.03 12.29
C GLU C 86 6.67 -2.07 12.64
N THR C 87 6.20 -3.30 12.79
CA THR C 87 4.81 -3.54 13.08
C THR C 87 4.39 -3.21 14.53
N LEU C 88 3.10 -2.89 14.82
CA LEU C 88 2.68 -2.70 16.21
C LEU C 88 2.88 -4.02 16.97
N ALA C 89 2.80 -5.18 16.30
CA ALA C 89 2.96 -6.45 16.99
C ALA C 89 4.35 -6.54 17.58
N ASP C 90 5.42 -6.34 16.81
CA ASP C 90 6.80 -6.35 17.31
C ASP C 90 7.13 -5.30 18.34
N THR C 91 6.52 -4.14 18.18
CA THR C 91 6.71 -3.08 19.16
C THR C 91 6.17 -3.54 20.52
N ILE C 92 4.92 -4.01 20.62
CA ILE C 92 4.39 -4.48 21.89
C ILE C 92 5.20 -5.72 22.32
N SER C 93 5.52 -6.69 21.47
CA SER C 93 6.37 -7.79 21.85
C SER C 93 7.65 -7.29 22.47
N VAL C 94 8.23 -6.17 22.07
CA VAL C 94 9.45 -5.74 22.74
C VAL C 94 9.02 -5.01 23.98
N ILE C 95 8.01 -4.14 24.11
CA ILE C 95 7.80 -3.43 25.36
C ILE C 95 7.37 -4.24 26.56
N SER C 96 6.70 -5.38 26.35
CA SER C 96 6.33 -6.37 27.37
C SER C 96 7.55 -6.98 28.06
N THR C 97 8.76 -6.76 27.60
CA THR C 97 9.90 -7.36 28.26
C THR C 97 10.49 -6.44 29.35
N TYR C 98 9.78 -5.34 29.67
CA TYR C 98 10.23 -4.34 30.63
C TYR C 98 9.16 -3.83 31.58
N VAL C 99 8.03 -3.43 30.99
CA VAL C 99 6.97 -2.81 31.77
C VAL C 99 6.05 -3.83 32.46
N ASP C 100 5.28 -3.41 33.46
CA ASP C 100 4.35 -4.27 34.15
C ASP C 100 2.94 -4.11 33.65
N ALA C 101 2.68 -3.06 32.88
CA ALA C 101 1.36 -2.72 32.34
C ALA C 101 1.58 -1.87 31.10
N ILE C 102 0.75 -1.87 30.06
CA ILE C 102 0.92 -1.01 28.90
C ILE C 102 -0.31 -0.10 28.80
N VAL C 103 -0.15 1.22 28.77
CA VAL C 103 -1.28 2.11 28.50
C VAL C 103 -1.01 2.67 27.12
N MET C 104 -1.91 2.55 26.16
CA MET C 104 -1.60 3.00 24.83
C MET C 104 -2.77 3.71 24.14
N ARG C 105 -2.54 4.75 23.36
CA ARG C 105 -3.58 5.40 22.58
C ARG C 105 -2.99 5.32 21.19
N HIS C 106 -3.82 4.96 20.21
CA HIS C 106 -3.33 4.72 18.87
C HIS C 106 -4.33 5.23 17.86
N PRO C 107 -3.96 5.66 16.63
CA PRO C 107 -4.92 6.15 15.62
C PRO C 107 -5.82 5.19 14.80
N GLN C 108 -5.65 3.89 14.91
CA GLN C 108 -6.38 2.87 14.17
C GLN C 108 -7.25 2.14 15.11
N GLU C 109 -8.46 1.84 14.65
CA GLU C 109 -9.36 1.14 15.51
C GLU C 109 -8.88 -0.29 15.47
N GLY C 110 -8.76 -0.84 16.65
CA GLY C 110 -8.42 -2.25 16.84
C GLY C 110 -7.06 -2.43 17.47
N ALA C 111 -6.20 -1.39 17.49
CA ALA C 111 -4.83 -1.51 17.92
C ALA C 111 -4.58 -2.07 19.28
N ALA C 112 -5.36 -1.57 20.24
CA ALA C 112 -5.27 -2.04 21.59
C ALA C 112 -5.58 -3.50 21.75
N ARG C 113 -6.56 -4.05 21.02
CA ARG C 113 -6.88 -5.48 21.02
C ARG C 113 -5.77 -6.25 20.31
N LEU C 114 -5.07 -5.73 19.31
CA LEU C 114 -3.93 -6.41 18.73
C LEU C 114 -2.77 -6.45 19.71
N ALA C 115 -2.48 -5.39 20.44
CA ALA C 115 -1.40 -5.38 21.42
C ALA C 115 -1.51 -6.51 22.43
N THR C 116 -2.77 -6.80 22.78
CA THR C 116 -3.26 -7.88 23.62
C THR C 116 -2.74 -9.25 23.24
N GLU C 117 -2.59 -9.48 21.94
CA GLU C 117 -2.12 -10.77 21.48
C GLU C 117 -0.63 -10.84 21.57
N PHE C 118 0.13 -9.78 21.76
CA PHE C 118 1.59 -9.87 21.77
C PHE C 118 2.19 -9.46 23.09
N SER C 119 1.39 -8.90 23.99
CA SER C 119 1.91 -8.50 25.27
C SER C 119 2.12 -9.68 26.16
N GLY C 120 1.50 -10.79 25.80
CA GLY C 120 1.59 -11.97 26.63
C GLY C 120 0.81 -11.71 27.90
N ASN C 121 1.56 -11.43 28.99
CA ASN C 121 0.91 -11.21 30.30
C ASN C 121 1.01 -9.86 31.02
N VAL C 122 1.21 -8.84 30.21
CA VAL C 122 1.26 -7.53 30.74
C VAL C 122 -0.09 -7.03 30.29
N PRO C 123 -0.91 -6.54 31.19
CA PRO C 123 -2.20 -5.96 30.82
C PRO C 123 -2.11 -4.74 29.91
N VAL C 124 -3.03 -4.56 28.95
CA VAL C 124 -3.05 -3.48 27.95
C VAL C 124 -4.33 -2.72 28.28
N LEU C 125 -4.21 -1.44 28.63
CA LEU C 125 -5.29 -0.53 29.01
C LEU C 125 -5.39 0.40 27.85
N ASN C 126 -6.56 0.53 27.24
CA ASN C 126 -6.80 1.34 26.07
C ASN C 126 -7.33 2.73 26.40
N ALA C 127 -6.47 3.65 26.00
CA ALA C 127 -6.72 5.08 26.18
C ALA C 127 -7.22 5.68 24.86
N GLY C 128 -7.84 4.94 23.95
CA GLY C 128 -8.43 5.47 22.75
C GLY C 128 -7.82 4.82 21.55
N ASP C 129 -8.66 4.17 20.78
CA ASP C 129 -8.20 3.55 19.54
C ASP C 129 -9.18 3.87 18.44
N GLY C 130 -8.79 4.85 17.64
CA GLY C 130 -9.58 5.34 16.49
C GLY C 130 -11.00 5.74 16.85
N SER C 131 -11.90 5.69 15.90
CA SER C 131 -13.29 5.98 16.18
C SER C 131 -13.96 4.89 17.01
N ASN C 132 -13.27 4.03 17.76
CA ASN C 132 -13.95 2.95 18.41
C ASN C 132 -14.04 3.05 19.94
N GLN C 133 -13.08 2.70 20.78
CA GLN C 133 -13.39 2.65 22.17
C GLN C 133 -12.46 3.60 22.86
N HIS C 134 -12.87 3.77 24.11
CA HIS C 134 -12.15 4.58 25.06
C HIS C 134 -12.62 4.30 26.52
N PRO C 135 -12.64 3.06 27.05
CA PRO C 135 -13.31 2.72 28.33
C PRO C 135 -13.05 3.63 29.53
N THR C 136 -11.84 4.16 29.58
CA THR C 136 -11.36 4.96 30.67
C THR C 136 -12.14 6.26 30.79
N GLN C 137 -12.44 6.94 29.68
CA GLN C 137 -13.29 8.12 29.65
C GLN C 137 -14.74 7.71 30.00
N THR C 138 -15.31 6.54 29.68
CA THR C 138 -16.64 6.19 30.16
C THR C 138 -16.63 5.97 31.67
N LEU C 139 -15.65 5.23 32.18
CA LEU C 139 -15.51 5.00 33.58
C LEU C 139 -15.42 6.32 34.29
N LEU C 140 -14.68 7.34 33.91
CA LEU C 140 -14.73 8.57 34.68
C LEU C 140 -16.09 9.27 34.57
N ASP C 141 -16.79 9.17 33.45
CA ASP C 141 -18.11 9.76 33.30
C ASP C 141 -19.08 9.08 34.26
N LEU C 142 -19.07 7.76 34.31
CA LEU C 142 -19.96 6.99 35.15
C LEU C 142 -19.70 7.30 36.60
N PHE C 143 -18.43 7.31 37.00
CA PHE C 143 -18.10 7.69 38.33
C PHE C 143 -18.61 9.09 38.62
N THR C 144 -18.49 10.08 37.72
CA THR C 144 -19.04 11.40 37.97
C THR C 144 -20.56 11.39 38.05
N ILE C 145 -21.32 10.73 37.15
CA ILE C 145 -22.78 10.59 37.25
C ILE C 145 -23.14 9.91 38.58
N GLN C 146 -22.47 8.85 39.01
CA GLN C 146 -22.82 8.24 40.26
C GLN C 146 -22.50 9.12 41.45
N GLN C 147 -21.36 9.84 41.43
CA GLN C 147 -21.00 10.75 42.51
C GLN C 147 -22.09 11.79 42.73
N THR C 148 -22.55 12.38 41.62
CA THR C 148 -23.50 13.45 41.71
C THR C 148 -24.91 13.00 41.73
N GLU C 149 -25.27 11.95 41.03
CA GLU C 149 -26.65 11.54 41.07
C GLU C 149 -27.07 10.60 42.16
N GLY C 150 -26.06 9.95 42.69
CA GLY C 150 -26.28 9.02 43.77
C GLY C 150 -26.60 7.66 43.23
N ARG C 151 -26.91 7.57 41.91
CA ARG C 151 -27.41 6.42 41.15
C ARG C 151 -26.84 6.34 39.76
N LEU C 152 -26.80 5.10 39.23
CA LEU C 152 -26.48 4.85 37.83
C LEU C 152 -27.77 4.31 37.14
N ASP C 153 -28.90 4.18 37.84
CA ASP C 153 -30.15 3.67 37.26
C ASP C 153 -31.22 4.76 37.47
N ASN C 154 -32.28 4.58 36.75
CA ASN C 154 -33.42 5.46 36.77
C ASN C 154 -33.13 6.92 36.51
N LEU C 155 -32.23 7.14 35.58
CA LEU C 155 -31.78 8.47 35.22
C LEU C 155 -32.42 9.04 33.97
N HIS C 156 -32.40 10.34 33.76
CA HIS C 156 -32.93 11.05 32.58
C HIS C 156 -31.69 11.77 32.04
N VAL C 157 -31.17 11.25 30.93
CA VAL C 157 -29.87 11.66 30.37
C VAL C 157 -30.09 12.29 29.01
N ALA C 158 -29.74 13.56 28.83
CA ALA C 158 -29.81 14.19 27.51
C ALA C 158 -28.43 14.09 26.89
N MET C 159 -28.23 13.93 25.57
CA MET C 159 -26.90 13.75 24.99
C MET C 159 -26.91 14.79 23.93
N VAL C 160 -26.19 15.90 24.01
CA VAL C 160 -26.38 17.00 23.08
C VAL C 160 -25.17 17.24 22.20
N GLY C 161 -25.31 17.36 20.90
CA GLY C 161 -24.15 17.66 20.08
C GLY C 161 -23.99 16.84 18.81
N ASP C 162 -22.79 16.37 18.55
CA ASP C 162 -22.53 15.51 17.41
C ASP C 162 -22.55 14.12 17.95
N LEU C 163 -23.69 13.49 17.80
CA LEU C 163 -23.85 12.13 18.29
C LEU C 163 -23.49 11.17 17.20
N LYS C 164 -23.41 11.52 15.92
CA LYS C 164 -23.03 10.57 14.89
C LYS C 164 -21.61 10.06 15.07
N TYR C 165 -20.78 11.07 15.24
CA TYR C 165 -19.37 10.78 15.36
C TYR C 165 -18.86 10.78 16.79
N GLY C 166 -19.57 11.36 17.78
CA GLY C 166 -19.15 11.32 19.18
C GLY C 166 -18.94 9.90 19.73
N ARG C 167 -17.68 9.45 19.76
CA ARG C 167 -17.22 8.18 20.33
C ARG C 167 -17.57 8.08 21.81
N THR C 168 -17.31 9.14 22.57
CA THR C 168 -17.67 9.22 23.98
C THR C 168 -19.13 8.91 24.32
N VAL C 169 -20.03 9.46 23.48
CA VAL C 169 -21.44 9.34 23.77
C VAL C 169 -21.94 7.96 23.38
N HIS C 170 -21.30 7.31 22.42
CA HIS C 170 -21.71 6.00 22.02
C HIS C 170 -21.38 5.05 23.14
N SER C 171 -20.22 5.10 23.80
CA SER C 171 -19.92 4.14 24.85
C SER C 171 -20.76 4.44 26.10
N LEU C 172 -21.00 5.71 26.47
CA LEU C 172 -21.80 6.02 27.65
C LEU C 172 -23.21 5.49 27.50
N THR C 173 -23.81 5.55 26.30
CA THR C 173 -25.09 4.93 25.99
C THR C 173 -25.03 3.41 26.18
N GLN C 174 -23.98 2.70 25.74
CA GLN C 174 -23.87 1.27 25.93
C GLN C 174 -23.61 0.85 27.36
N ALA C 175 -22.87 1.68 28.08
CA ALA C 175 -22.55 1.50 29.47
C ALA C 175 -23.78 1.73 30.30
N LEU C 176 -24.48 2.85 30.13
CA LEU C 176 -25.69 3.17 30.86
C LEU C 176 -26.81 2.21 30.53
N ALA C 177 -26.86 1.70 29.28
CA ALA C 177 -27.89 0.74 28.88
C ALA C 177 -27.75 -0.56 29.68
N LYS C 178 -26.61 -0.78 30.34
CA LYS C 178 -26.44 -1.90 31.22
C LYS C 178 -27.21 -1.73 32.49
N PHE C 179 -27.74 -0.57 32.83
CA PHE C 179 -28.45 -0.41 34.09
C PHE C 179 -29.91 -0.10 33.80
N ASP C 180 -30.74 -0.10 34.85
CA ASP C 180 -32.18 -0.01 34.61
C ASP C 180 -32.88 1.34 34.56
N GLY C 181 -34.04 1.39 33.94
CA GLY C 181 -34.87 2.59 33.98
C GLY C 181 -34.27 3.87 33.42
N ASN C 182 -33.17 3.78 32.67
CA ASN C 182 -32.58 5.00 32.17
C ASN C 182 -33.41 5.44 31.00
N ARG C 183 -33.63 6.74 30.80
CA ARG C 183 -34.31 7.33 29.66
C ARG C 183 -33.36 8.31 28.98
N PHE C 184 -33.24 8.28 27.65
CA PHE C 184 -32.29 9.11 26.93
C PHE C 184 -32.97 10.15 26.09
N TYR C 185 -32.35 11.28 25.85
CA TYR C 185 -32.92 12.29 24.95
C TYR C 185 -31.75 12.64 24.09
N PHE C 186 -31.93 12.53 22.79
CA PHE C 186 -30.83 12.83 21.89
C PHE C 186 -31.19 14.16 21.22
N ILE C 187 -30.28 15.15 21.20
CA ILE C 187 -30.50 16.49 20.63
C ILE C 187 -29.30 16.67 19.73
N ALA C 188 -29.43 16.65 18.41
CA ALA C 188 -28.31 16.69 17.46
C ALA C 188 -28.88 17.21 16.17
N PRO C 189 -28.15 17.95 15.33
CA PRO C 189 -28.59 18.30 14.00
C PRO C 189 -28.70 17.02 13.21
N ASP C 190 -29.53 17.03 12.18
CA ASP C 190 -29.82 15.82 11.39
C ASP C 190 -28.64 15.17 10.73
N ALA C 191 -27.64 15.95 10.34
CA ALA C 191 -26.47 15.35 9.74
C ALA C 191 -25.53 14.74 10.80
N LEU C 192 -25.85 14.86 12.08
CA LEU C 192 -24.99 14.39 13.15
C LEU C 192 -25.74 13.60 14.23
N ALA C 193 -26.75 12.85 13.76
CA ALA C 193 -27.64 12.05 14.57
C ALA C 193 -27.07 10.75 15.00
N MET C 194 -27.63 10.33 16.14
CA MET C 194 -27.26 9.11 16.83
C MET C 194 -27.42 7.93 15.88
N PRO C 195 -26.36 7.23 15.51
CA PRO C 195 -26.42 6.19 14.52
C PRO C 195 -27.38 5.08 14.93
N GLU C 196 -27.89 4.50 13.87
CA GLU C 196 -28.84 3.44 14.02
C GLU C 196 -28.51 2.27 14.94
N TYR C 197 -27.29 1.76 14.94
CA TYR C 197 -27.05 0.57 15.72
C TYR C 197 -27.17 0.81 17.20
N ILE C 198 -27.02 2.08 17.60
CA ILE C 198 -27.15 2.42 19.00
C ILE C 198 -28.62 2.39 19.26
N LEU C 199 -29.35 3.06 18.39
CA LEU C 199 -30.78 3.14 18.52
C LEU C 199 -31.41 1.74 18.56
N ASP C 200 -30.87 0.79 17.78
CA ASP C 200 -31.35 -0.59 17.75
C ASP C 200 -31.08 -1.27 19.08
N MET C 201 -29.83 -1.19 19.58
CA MET C 201 -29.50 -1.77 20.87
C MET C 201 -30.43 -1.27 21.98
N LEU C 202 -30.77 0.02 21.99
CA LEU C 202 -31.65 0.60 22.99
C LEU C 202 -33.01 -0.02 22.94
N ASP C 203 -33.64 -0.04 21.76
CA ASP C 203 -34.98 -0.60 21.59
C ASP C 203 -35.10 -2.04 21.97
N GLU C 204 -34.12 -2.81 21.54
CA GLU C 204 -34.03 -4.21 21.81
C GLU C 204 -34.02 -4.55 23.30
N LYS C 205 -33.51 -3.65 24.15
CA LYS C 205 -33.55 -3.88 25.59
C LYS C 205 -34.77 -3.25 26.24
N GLY C 206 -35.56 -2.51 25.49
CA GLY C 206 -36.75 -1.88 26.02
C GLY C 206 -36.45 -0.50 26.58
N ILE C 207 -35.40 0.16 26.12
CA ILE C 207 -35.07 1.47 26.66
C ILE C 207 -35.66 2.56 25.79
N ALA C 208 -36.15 3.49 26.62
CA ALA C 208 -36.86 4.67 26.20
C ALA C 208 -35.99 5.84 25.74
N TRP C 209 -36.11 6.38 24.54
CA TRP C 209 -35.28 7.50 24.14
C TRP C 209 -36.14 8.37 23.24
N SER C 210 -35.97 9.67 23.30
CA SER C 210 -36.66 10.51 22.36
C SER C 210 -35.62 11.42 21.71
N LEU C 211 -35.98 11.99 20.56
CA LEU C 211 -35.17 12.95 19.83
C LEU C 211 -35.75 14.36 20.05
N HIS C 212 -34.98 15.43 20.33
CA HIS C 212 -35.59 16.73 20.50
C HIS C 212 -34.74 17.63 19.63
N SER C 213 -35.34 18.76 19.35
CA SER C 213 -34.73 19.77 18.52
C SER C 213 -34.00 20.78 19.40
N SER C 214 -34.54 21.21 20.54
CA SER C 214 -33.88 22.20 21.38
C SER C 214 -33.65 21.58 22.72
N ILE C 215 -32.59 22.00 23.42
CA ILE C 215 -32.33 21.57 24.80
C ILE C 215 -33.48 22.05 25.70
N GLU C 216 -34.04 23.21 25.37
CA GLU C 216 -35.11 23.84 26.12
C GLU C 216 -36.34 22.95 26.35
N GLU C 217 -36.76 22.14 25.38
CA GLU C 217 -37.89 21.22 25.53
C GLU C 217 -37.70 20.23 26.66
N VAL C 218 -36.46 19.90 26.98
CA VAL C 218 -36.22 18.86 27.93
C VAL C 218 -35.53 19.21 29.28
N MET C 219 -35.08 20.46 29.41
CA MET C 219 -34.38 20.99 30.58
C MET C 219 -34.95 20.59 31.93
N ALA C 220 -36.26 20.69 32.06
CA ALA C 220 -36.89 20.41 33.33
C ALA C 220 -36.77 19.01 33.91
N GLU C 221 -36.65 17.97 33.09
CA GLU C 221 -36.65 16.61 33.61
C GLU C 221 -35.29 16.01 33.45
N VAL C 222 -34.30 16.77 33.08
CA VAL C 222 -32.99 16.22 32.82
C VAL C 222 -32.14 16.31 34.09
N ASP C 223 -31.47 15.17 34.25
CA ASP C 223 -30.59 14.91 35.37
C ASP C 223 -29.16 15.10 34.94
N ILE C 224 -28.77 14.55 33.79
CA ILE C 224 -27.40 14.62 33.31
C ILE C 224 -27.50 15.23 31.93
N LEU C 225 -26.78 16.30 31.62
CA LEU C 225 -26.76 16.84 30.27
C LEU C 225 -25.39 16.52 29.71
N TYR C 226 -25.14 15.58 28.78
CA TYR C 226 -23.78 15.34 28.31
C TYR C 226 -23.61 16.12 27.02
N MET C 227 -22.85 17.21 27.04
CA MET C 227 -22.53 17.92 25.84
C MET C 227 -21.32 17.24 25.18
N THR C 228 -21.24 17.38 23.87
CA THR C 228 -20.16 16.85 23.09
C THR C 228 -19.80 17.94 22.07
N ARG C 229 -18.62 17.91 21.45
CA ARG C 229 -18.19 19.02 20.62
C ARG C 229 -18.72 18.92 19.20
N VAL C 230 -19.23 19.99 18.61
CA VAL C 230 -19.65 19.90 17.24
C VAL C 230 -18.33 20.19 16.56
N GLN C 231 -17.96 19.21 15.75
CA GLN C 231 -16.72 19.27 15.03
C GLN C 231 -17.03 20.10 13.80
N LYS C 232 -16.66 21.38 13.73
CA LYS C 232 -16.95 22.20 12.55
C LYS C 232 -16.49 21.64 11.21
N GLU C 233 -15.44 20.81 11.19
CA GLU C 233 -14.89 20.23 9.97
C GLU C 233 -15.84 19.22 9.32
N ARG C 234 -16.79 18.71 10.10
CA ARG C 234 -17.79 17.77 9.61
C ARG C 234 -18.94 18.52 8.92
N LEU C 235 -18.90 19.85 8.84
CA LEU C 235 -19.97 20.62 8.27
C LEU C 235 -19.27 21.71 7.49
N ASP C 236 -20.08 22.38 6.70
CA ASP C 236 -19.58 23.50 5.94
C ASP C 236 -19.43 24.68 6.90
N PRO C 237 -18.50 25.63 6.75
CA PRO C 237 -18.55 26.94 7.40
C PRO C 237 -19.91 27.62 7.42
N SER C 238 -20.66 27.47 6.33
CA SER C 238 -22.00 27.97 6.23
C SER C 238 -23.04 27.04 6.89
N GLU C 239 -22.78 25.74 6.95
CA GLU C 239 -23.75 24.79 7.50
C GLU C 239 -23.79 24.87 9.02
N TYR C 240 -22.58 24.92 9.59
CA TYR C 240 -22.35 25.06 11.00
C TYR C 240 -23.15 26.27 11.46
N ALA C 241 -22.72 27.45 11.01
CA ALA C 241 -23.36 28.71 11.34
C ALA C 241 -24.89 28.71 11.29
N ASN C 242 -25.43 28.38 10.13
CA ASN C 242 -26.85 28.46 9.97
C ASN C 242 -27.44 27.18 10.49
N VAL C 243 -27.35 26.93 11.78
CA VAL C 243 -28.17 25.88 12.35
C VAL C 243 -29.45 26.62 12.84
N LYS C 244 -29.83 27.75 12.18
CA LYS C 244 -30.93 28.70 12.46
C LYS C 244 -30.83 29.47 13.79
N ALA C 245 -30.33 28.86 14.87
CA ALA C 245 -30.06 29.46 16.20
C ALA C 245 -28.94 28.80 17.07
N GLN C 246 -28.55 27.53 16.78
CA GLN C 246 -27.46 26.72 17.33
C GLN C 246 -27.81 25.80 18.50
N PHE C 247 -26.82 24.98 18.91
CA PHE C 247 -26.91 24.06 20.07
C PHE C 247 -25.89 24.38 21.17
N VAL C 248 -25.81 25.65 21.58
CA VAL C 248 -24.89 26.08 22.62
C VAL C 248 -25.67 26.16 23.91
N LEU C 249 -24.97 25.87 24.98
CA LEU C 249 -25.54 25.97 26.28
C LEU C 249 -25.07 27.29 26.83
N ARG C 250 -25.95 28.03 27.47
CA ARG C 250 -25.72 29.36 28.04
C ARG C 250 -26.34 29.38 29.44
N ALA C 251 -25.84 30.08 30.44
CA ALA C 251 -26.45 30.01 31.76
C ALA C 251 -27.92 30.40 31.82
N SER C 252 -28.42 31.26 30.90
CA SER C 252 -29.83 31.63 30.88
C SER C 252 -30.67 30.35 30.69
N ASP C 253 -30.19 29.43 29.84
CA ASP C 253 -30.90 28.21 29.47
C ASP C 253 -31.16 27.30 30.64
N LEU C 254 -30.27 27.34 31.59
CA LEU C 254 -30.40 26.46 32.73
C LEU C 254 -31.34 27.01 33.78
N HIS C 255 -31.94 28.19 33.60
CA HIS C 255 -32.76 28.85 34.63
C HIS C 255 -34.09 28.12 34.64
N ASN C 256 -34.05 26.88 35.12
CA ASN C 256 -35.12 25.94 34.87
C ASN C 256 -34.74 24.51 35.26
N ALA C 257 -33.45 24.12 35.14
CA ALA C 257 -33.06 22.77 35.42
C ALA C 257 -33.23 22.41 36.88
N LYS C 258 -33.46 21.14 37.14
CA LYS C 258 -33.57 20.67 38.50
C LYS C 258 -32.28 20.96 39.27
N ALA C 259 -32.40 21.05 40.57
CA ALA C 259 -31.31 21.22 41.48
C ALA C 259 -30.16 20.27 41.23
N ASN C 260 -30.45 18.99 41.08
CA ASN C 260 -29.40 18.00 40.84
C ASN C 260 -28.78 18.01 39.43
N MET C 261 -29.18 18.87 38.49
CA MET C 261 -28.74 18.67 37.14
C MET C 261 -27.27 19.04 36.98
N LYS C 262 -26.51 18.24 36.24
CA LYS C 262 -25.10 18.47 36.03
C LYS C 262 -24.81 18.39 34.55
N VAL C 263 -24.12 19.42 34.07
CA VAL C 263 -23.68 19.51 32.69
C VAL C 263 -22.27 18.88 32.68
N LEU C 264 -22.11 17.84 31.85
CA LEU C 264 -20.89 17.13 31.63
C LEU C 264 -20.40 17.44 30.23
N HIS C 265 -19.12 17.20 29.96
CA HIS C 265 -18.49 17.43 28.67
C HIS C 265 -17.12 16.77 28.72
N PRO C 266 -16.76 15.95 27.71
CA PRO C 266 -15.45 15.31 27.61
C PRO C 266 -14.26 16.24 27.41
N LEU C 267 -14.50 17.48 26.92
CA LEU C 267 -13.58 18.57 26.58
C LEU C 267 -12.60 18.33 25.39
N PRO C 268 -12.10 19.33 24.61
CA PRO C 268 -12.31 20.74 24.78
C PRO C 268 -13.75 21.10 24.53
N ARG C 269 -14.00 22.14 25.26
CA ARG C 269 -15.21 22.86 25.12
C ARG C 269 -14.54 24.07 24.55
N VAL C 270 -15.13 24.34 23.42
CA VAL C 270 -14.75 25.51 22.70
C VAL C 270 -16.02 26.32 22.80
N ASP C 271 -16.62 26.66 21.69
CA ASP C 271 -17.86 27.40 21.53
C ASP C 271 -19.16 26.97 22.20
N GLU C 272 -19.28 25.68 22.52
CA GLU C 272 -20.57 25.17 22.90
C GLU C 272 -21.04 25.37 24.30
N ILE C 273 -20.22 25.60 25.30
CA ILE C 273 -20.79 25.85 26.62
C ILE C 273 -20.17 27.19 26.83
N ALA C 274 -21.04 28.15 27.01
CA ALA C 274 -20.55 29.48 27.31
C ALA C 274 -20.08 29.57 28.75
N THR C 275 -19.08 30.43 28.89
CA THR C 275 -18.44 30.87 30.11
C THR C 275 -19.35 31.13 31.28
N ASP C 276 -20.55 31.67 31.10
CA ASP C 276 -21.45 31.91 32.21
C ASP C 276 -22.06 30.66 32.82
N VAL C 277 -22.03 29.52 32.13
CA VAL C 277 -22.47 28.28 32.72
C VAL C 277 -21.43 27.91 33.78
N ASP C 278 -20.17 28.34 33.74
CA ASP C 278 -19.14 27.94 34.72
C ASP C 278 -19.40 28.34 36.15
N LYS C 279 -20.03 29.49 36.35
CA LYS C 279 -20.35 30.02 37.67
C LYS C 279 -21.61 29.38 38.25
N THR C 280 -22.35 28.70 37.39
CA THR C 280 -23.58 28.00 37.70
C THR C 280 -23.19 26.79 38.54
N PRO C 281 -23.83 26.34 39.60
CA PRO C 281 -23.51 25.08 40.28
C PRO C 281 -23.73 23.80 39.46
N HIS C 282 -24.22 23.94 38.24
CA HIS C 282 -24.56 22.79 37.45
C HIS C 282 -23.35 22.45 36.60
N ALA C 283 -22.39 23.37 36.52
CA ALA C 283 -21.27 23.15 35.67
C ALA C 283 -20.42 22.13 36.38
N TRP C 284 -20.13 21.00 35.71
CA TRP C 284 -19.36 19.95 36.31
C TRP C 284 -18.30 19.38 35.42
N TYR C 285 -17.96 19.98 34.31
CA TYR C 285 -17.03 19.35 33.41
C TYR C 285 -15.62 19.34 33.97
N PHE C 286 -15.19 20.33 34.75
CA PHE C 286 -13.85 20.27 35.30
C PHE C 286 -13.73 19.29 36.41
N GLN C 287 -14.75 19.16 37.23
CA GLN C 287 -14.77 18.23 38.34
C GLN C 287 -14.84 16.79 37.77
N GLN C 288 -15.50 16.65 36.61
CA GLN C 288 -15.54 15.44 35.81
C GLN C 288 -14.11 15.13 35.45
N ALA C 289 -13.31 16.08 34.97
CA ALA C 289 -11.93 15.84 34.57
C ALA C 289 -11.10 15.29 35.72
N GLY C 290 -11.24 15.85 36.90
CA GLY C 290 -10.51 15.39 38.05
C GLY C 290 -10.90 14.03 38.55
N ASN C 291 -12.08 13.52 38.20
CA ASN C 291 -12.46 12.18 38.62
C ASN C 291 -11.90 11.11 37.73
N GLY C 292 -11.32 11.54 36.61
CA GLY C 292 -10.56 10.68 35.75
C GLY C 292 -9.35 10.18 36.55
N ILE C 293 -8.86 10.95 37.51
CA ILE C 293 -7.75 10.46 38.26
C ILE C 293 -8.13 9.27 39.08
N PHE C 294 -9.34 9.34 39.62
CA PHE C 294 -9.76 8.25 40.48
C PHE C 294 -10.16 7.06 39.65
N ALA C 295 -10.94 7.18 38.57
CA ALA C 295 -11.25 6.01 37.75
C ALA C 295 -9.95 5.38 37.21
N ARG C 296 -8.98 6.16 36.77
CA ARG C 296 -7.72 5.65 36.30
C ARG C 296 -6.97 4.87 37.36
N GLN C 297 -6.81 5.45 38.54
CA GLN C 297 -6.20 4.72 39.64
C GLN C 297 -6.91 3.42 40.03
N ALA C 298 -8.22 3.38 40.15
CA ALA C 298 -8.97 2.16 40.42
C ALA C 298 -8.58 0.97 39.55
N LEU C 299 -8.57 1.29 38.28
CA LEU C 299 -8.22 0.38 37.21
C LEU C 299 -6.78 -0.10 37.36
N LEU C 300 -5.75 0.75 37.38
CA LEU C 300 -4.37 0.33 37.54
C LEU C 300 -4.18 -0.48 38.78
N ALA C 301 -4.86 -0.17 39.85
CA ALA C 301 -4.78 -0.92 41.08
C ALA C 301 -5.40 -2.29 40.88
N LEU C 302 -6.63 -2.41 40.41
CA LEU C 302 -7.28 -3.71 40.23
C LEU C 302 -6.63 -4.65 39.24
N VAL C 303 -6.11 -4.14 38.14
CA VAL C 303 -5.47 -4.94 37.13
C VAL C 303 -4.17 -5.43 37.69
N LEU C 304 -3.36 -4.60 38.33
CA LEU C 304 -2.07 -5.05 38.83
C LEU C 304 -2.04 -5.68 40.22
N ASN C 305 -3.07 -5.57 41.05
CA ASN C 305 -3.03 -5.99 42.44
C ASN C 305 -4.00 -7.13 42.69
N ARG C 306 -3.53 -8.32 43.08
CA ARG C 306 -4.37 -9.50 43.19
C ARG C 306 -5.54 -9.48 44.17
N ASP C 307 -5.45 -8.84 45.30
CA ASP C 307 -6.54 -8.75 46.26
C ASP C 307 -6.28 -7.39 46.82
N LEU C 308 -7.21 -6.49 46.59
CA LEU C 308 -7.06 -5.13 47.08
C LEU C 308 -7.95 -5.05 48.28
N VAL C 309 -7.43 -4.73 49.45
CA VAL C 309 -8.26 -4.59 50.63
C VAL C 309 -7.93 -3.23 51.19
N LEU C 310 -8.95 -2.48 50.88
CA LEU C 310 -9.06 -1.08 51.19
C LEU C 310 -10.56 -0.93 51.42
N GLY D 8 -19.39 -37.62 -15.67
CA GLY D 8 -19.77 -37.24 -14.32
C GLY D 8 -18.56 -37.61 -13.50
N VAL D 9 -18.38 -37.05 -12.30
CA VAL D 9 -17.21 -37.32 -11.44
C VAL D 9 -17.81 -38.06 -10.22
N GLU D 10 -17.47 -39.33 -9.88
CA GLU D 10 -18.27 -40.09 -8.90
C GLU D 10 -17.78 -41.24 -8.01
N ALA D 11 -16.54 -41.79 -7.99
CA ALA D 11 -16.25 -42.88 -7.06
C ALA D 11 -14.82 -42.89 -6.54
N ILE D 12 -14.68 -43.05 -5.21
CA ILE D 12 -13.43 -43.14 -4.46
C ILE D 12 -13.74 -44.06 -3.29
N LYS D 13 -12.69 -44.60 -2.70
CA LYS D 13 -12.91 -45.51 -1.59
C LYS D 13 -13.32 -44.81 -0.32
N ARG D 14 -12.51 -43.84 0.13
CA ARG D 14 -12.70 -43.21 1.43
C ARG D 14 -12.45 -41.71 1.35
N GLY D 15 -13.11 -40.86 2.14
CA GLY D 15 -12.87 -39.44 2.10
C GLY D 15 -14.12 -38.57 2.24
N THR D 16 -14.10 -37.41 1.59
CA THR D 16 -15.16 -36.44 1.65
C THR D 16 -15.46 -36.07 0.22
N VAL D 17 -16.72 -36.03 -0.14
CA VAL D 17 -17.14 -35.53 -1.45
C VAL D 17 -18.09 -34.35 -1.23
N ILE D 18 -17.64 -33.16 -1.60
CA ILE D 18 -18.44 -31.97 -1.39
C ILE D 18 -19.19 -31.84 -2.69
N ASP D 19 -20.49 -31.90 -2.57
CA ASP D 19 -21.39 -31.94 -3.70
C ASP D 19 -22.42 -30.83 -3.62
N HIS D 20 -22.84 -30.38 -4.79
CA HIS D 20 -23.83 -29.31 -5.02
C HIS D 20 -23.35 -27.88 -4.73
N ILE D 21 -22.05 -27.64 -4.96
CA ILE D 21 -21.44 -26.31 -4.81
C ILE D 21 -21.96 -25.47 -5.99
N PRO D 22 -22.68 -24.37 -5.78
CA PRO D 22 -23.47 -23.70 -6.81
C PRO D 22 -22.85 -23.06 -8.05
N ALA D 23 -21.78 -23.61 -8.69
CA ALA D 23 -21.11 -23.10 -9.89
C ALA D 23 -20.26 -21.89 -9.59
N GLN D 24 -19.05 -21.80 -10.17
CA GLN D 24 -18.08 -20.77 -9.86
C GLN D 24 -17.71 -20.61 -8.36
N ILE D 25 -18.43 -21.17 -7.36
CA ILE D 25 -17.99 -21.14 -5.98
C ILE D 25 -16.97 -22.24 -5.78
N GLY D 26 -17.14 -23.36 -6.48
CA GLY D 26 -16.20 -24.46 -6.42
C GLY D 26 -14.76 -24.04 -6.62
N PHE D 27 -14.47 -23.04 -7.47
CA PHE D 27 -13.09 -22.60 -7.48
C PHE D 27 -12.75 -21.81 -6.21
N LYS D 28 -13.56 -20.79 -5.89
CA LYS D 28 -13.40 -19.95 -4.71
C LYS D 28 -13.20 -20.75 -3.43
N LEU D 29 -13.78 -21.92 -3.30
CA LEU D 29 -13.58 -22.73 -2.11
C LEU D 29 -12.20 -23.40 -2.00
N LEU D 30 -11.65 -23.80 -3.13
CA LEU D 30 -10.30 -24.34 -3.17
C LEU D 30 -9.20 -23.39 -2.73
N SER D 31 -9.38 -22.15 -3.18
CA SER D 31 -8.47 -21.09 -2.88
C SER D 31 -8.72 -20.67 -1.44
N LEU D 32 -9.91 -20.19 -1.05
CA LEU D 32 -10.14 -19.72 0.28
C LEU D 32 -9.83 -20.72 1.37
N PHE D 33 -10.11 -22.00 1.14
CA PHE D 33 -9.89 -22.97 2.19
C PHE D 33 -8.71 -23.85 1.95
N LYS D 34 -7.94 -23.47 0.92
CA LYS D 34 -6.65 -24.10 0.64
C LYS D 34 -6.75 -25.64 0.63
N LEU D 35 -7.73 -26.20 -0.08
CA LEU D 35 -7.92 -27.64 -0.15
C LEU D 35 -6.84 -28.28 -1.05
N THR D 36 -6.18 -27.54 -1.95
CA THR D 36 -5.16 -28.08 -2.85
C THR D 36 -3.79 -28.38 -2.27
N GLU D 37 -3.54 -27.88 -1.05
CA GLU D 37 -2.25 -28.07 -0.38
C GLU D 37 -2.25 -29.38 0.40
N THR D 38 -2.48 -30.44 -0.38
CA THR D 38 -2.51 -31.79 0.11
C THR D 38 -2.06 -32.58 -1.09
N ASP D 39 -1.19 -33.56 -0.84
CA ASP D 39 -0.74 -34.42 -1.93
C ASP D 39 -1.56 -35.67 -1.68
N GLN D 40 -2.74 -35.61 -2.30
CA GLN D 40 -3.83 -36.53 -2.11
C GLN D 40 -4.72 -36.38 -3.35
N ARG D 41 -5.42 -37.46 -3.72
CA ARG D 41 -6.22 -37.53 -4.95
C ARG D 41 -7.33 -36.48 -4.95
N ILE D 42 -7.31 -35.37 -5.70
CA ILE D 42 -8.47 -34.50 -5.68
C ILE D 42 -9.00 -34.49 -7.07
N THR D 43 -10.31 -34.65 -7.13
CA THR D 43 -11.03 -34.61 -8.36
C THR D 43 -12.03 -33.49 -8.16
N ILE D 44 -11.90 -32.58 -9.11
CA ILE D 44 -12.67 -31.36 -9.16
C ILE D 44 -13.36 -31.45 -10.50
N GLY D 45 -14.64 -31.12 -10.46
CA GLY D 45 -15.47 -31.08 -11.64
C GLY D 45 -16.17 -29.74 -11.58
N LEU D 46 -15.87 -28.86 -12.52
CA LEU D 46 -16.44 -27.52 -12.58
C LEU D 46 -17.43 -27.45 -13.73
N ASN D 47 -18.61 -26.92 -13.41
CA ASN D 47 -19.74 -26.73 -14.31
C ASN D 47 -20.23 -28.05 -14.86
N LEU D 48 -20.35 -28.93 -13.89
CA LEU D 48 -20.93 -30.23 -14.12
C LEU D 48 -22.38 -29.83 -14.29
N PRO D 49 -23.13 -30.44 -15.22
CA PRO D 49 -24.44 -29.93 -15.59
C PRO D 49 -25.37 -30.25 -14.42
N SER D 50 -25.79 -31.52 -14.37
CA SER D 50 -26.81 -32.00 -13.46
C SER D 50 -28.04 -31.11 -13.67
N GLY D 51 -29.02 -31.64 -14.44
CA GLY D 51 -30.29 -30.94 -14.64
C GLY D 51 -30.85 -30.59 -13.27
N GLU D 52 -30.60 -31.51 -12.31
CA GLU D 52 -30.86 -31.44 -10.88
C GLU D 52 -30.68 -30.07 -10.24
N MET D 53 -29.71 -29.27 -10.73
CA MET D 53 -29.48 -27.92 -10.25
C MET D 53 -29.04 -26.95 -11.35
N GLY D 54 -29.10 -27.39 -12.61
CA GLY D 54 -28.68 -26.57 -13.74
C GLY D 54 -27.21 -26.79 -14.04
N ARG D 55 -26.33 -26.25 -13.17
CA ARG D 55 -24.87 -26.29 -13.31
C ARG D 55 -24.33 -26.38 -11.89
N LYS D 56 -23.23 -27.08 -11.60
CA LYS D 56 -22.69 -27.15 -10.26
C LYS D 56 -21.22 -27.51 -10.28
N ASP D 57 -20.60 -27.60 -9.11
CA ASP D 57 -19.20 -27.93 -8.98
C ASP D 57 -19.11 -29.03 -7.94
N LEU D 58 -18.03 -29.82 -7.92
CA LEU D 58 -17.91 -30.93 -6.98
C LEU D 58 -16.46 -31.12 -6.59
N ILE D 59 -16.08 -31.20 -5.32
CA ILE D 59 -14.69 -31.41 -4.93
C ILE D 59 -14.74 -32.79 -4.31
N LYS D 60 -13.78 -33.61 -4.63
CA LYS D 60 -13.65 -34.91 -4.06
C LYS D 60 -12.22 -34.86 -3.57
N ILE D 61 -12.04 -35.02 -2.26
CA ILE D 61 -10.71 -35.05 -1.66
C ILE D 61 -10.64 -36.46 -1.06
N GLU D 62 -9.60 -37.25 -1.32
CA GLU D 62 -9.60 -38.66 -0.95
C GLU D 62 -8.88 -38.92 0.34
N ASN D 63 -9.33 -39.84 1.19
CA ASN D 63 -8.75 -40.19 2.49
C ASN D 63 -8.56 -39.00 3.39
N THR D 64 -9.50 -38.07 3.28
CA THR D 64 -9.54 -36.83 4.02
C THR D 64 -10.98 -36.57 4.46
N PHE D 65 -11.20 -36.18 5.71
CA PHE D 65 -12.52 -35.92 6.27
C PHE D 65 -12.54 -34.55 6.93
N LEU D 66 -13.34 -33.66 6.37
CA LEU D 66 -13.51 -32.36 6.96
C LEU D 66 -14.31 -32.60 8.21
N SER D 67 -14.20 -31.69 9.15
CA SER D 67 -14.97 -31.88 10.36
C SER D 67 -15.65 -30.64 10.84
N GLU D 68 -16.88 -30.86 11.28
CA GLU D 68 -17.76 -29.92 11.95
C GLU D 68 -17.63 -28.44 11.58
N ASP D 69 -16.58 -27.84 12.16
CA ASP D 69 -16.19 -26.45 11.99
C ASP D 69 -15.86 -26.16 10.53
N GLN D 70 -15.04 -27.01 9.93
CA GLN D 70 -14.64 -26.91 8.55
C GLN D 70 -15.84 -26.88 7.60
N VAL D 71 -16.80 -27.76 7.90
CA VAL D 71 -18.05 -27.89 7.15
C VAL D 71 -18.86 -26.59 7.24
N ASP D 72 -19.01 -26.06 8.46
CA ASP D 72 -19.73 -24.81 8.69
C ASP D 72 -19.23 -23.57 7.94
N GLN D 73 -17.91 -23.38 7.73
CA GLN D 73 -17.41 -22.19 7.07
C GLN D 73 -17.94 -22.05 5.66
N LEU D 74 -18.25 -23.20 5.05
CA LEU D 74 -18.69 -23.22 3.67
C LEU D 74 -19.99 -22.50 3.55
N ALA D 75 -20.74 -22.49 4.65
CA ALA D 75 -22.05 -21.87 4.72
C ALA D 75 -22.11 -20.49 4.13
N LEU D 76 -21.10 -19.65 4.23
CA LEU D 76 -21.29 -18.33 3.68
C LEU D 76 -21.33 -18.32 2.15
N TYR D 77 -20.56 -19.27 1.61
CA TYR D 77 -20.24 -19.37 0.19
C TYR D 77 -21.05 -20.38 -0.61
N ALA D 78 -21.09 -21.65 -0.16
CA ALA D 78 -21.90 -22.71 -0.79
C ALA D 78 -22.87 -23.24 0.26
N PRO D 79 -23.89 -22.46 0.67
CA PRO D 79 -24.72 -22.68 1.86
C PRO D 79 -25.51 -23.96 1.90
N GLN D 80 -25.67 -24.52 0.70
CA GLN D 80 -26.42 -25.74 0.44
C GLN D 80 -25.53 -26.95 0.06
N ALA D 81 -24.20 -26.91 0.19
CA ALA D 81 -23.36 -28.02 -0.19
C ALA D 81 -23.71 -29.26 0.65
N THR D 82 -23.85 -30.38 0.00
CA THR D 82 -24.07 -31.60 0.73
C THR D 82 -22.64 -32.11 0.92
N VAL D 83 -22.17 -32.22 2.16
CA VAL D 83 -20.83 -32.73 2.36
C VAL D 83 -21.04 -34.19 2.69
N ASN D 84 -20.30 -35.08 2.03
CA ASN D 84 -20.42 -36.54 2.14
C ASN D 84 -19.22 -37.34 2.69
N ARG D 85 -19.36 -38.11 3.77
CA ARG D 85 -18.30 -38.94 4.30
C ARG D 85 -18.38 -40.24 3.51
N ILE D 86 -17.47 -40.57 2.62
CA ILE D 86 -17.49 -41.78 1.81
C ILE D 86 -16.53 -42.65 2.61
N ASP D 87 -16.84 -43.84 3.09
CA ASP D 87 -15.86 -44.52 3.94
C ASP D 87 -15.40 -45.92 3.68
N ASN D 88 -15.99 -46.53 2.66
CA ASN D 88 -15.66 -47.86 2.21
C ASN D 88 -16.57 -47.89 1.00
N TYR D 89 -16.03 -47.32 -0.07
CA TYR D 89 -16.68 -47.18 -1.35
C TYR D 89 -18.11 -46.60 -1.45
N GLU D 90 -18.70 -46.10 -0.34
CA GLU D 90 -20.00 -45.44 -0.33
C GLU D 90 -20.23 -44.62 0.96
N VAL D 91 -21.28 -43.80 0.86
CA VAL D 91 -21.77 -42.76 1.77
C VAL D 91 -22.15 -43.17 3.20
N VAL D 92 -21.17 -42.99 4.07
CA VAL D 92 -21.28 -43.22 5.50
C VAL D 92 -21.94 -42.05 6.24
N GLY D 93 -22.43 -41.00 5.61
CA GLY D 93 -23.10 -39.97 6.37
C GLY D 93 -22.98 -38.70 5.58
N LYS D 94 -24.02 -37.87 5.63
CA LYS D 94 -24.05 -36.61 4.90
C LYS D 94 -24.11 -35.50 5.94
N SER D 95 -23.94 -34.24 5.52
CA SER D 95 -24.03 -33.04 6.33
C SER D 95 -24.37 -31.90 5.37
N ARG D 96 -24.74 -30.75 5.89
CA ARG D 96 -25.03 -29.57 5.09
C ARG D 96 -24.44 -28.43 5.94
N PRO D 97 -23.98 -27.29 5.39
CA PRO D 97 -23.52 -26.13 6.13
C PRO D 97 -24.53 -25.47 7.07
N SER D 98 -24.03 -25.40 8.32
CA SER D 98 -24.65 -24.71 9.46
C SER D 98 -23.84 -23.44 9.63
N LEU D 99 -24.47 -22.27 9.88
CA LEU D 99 -23.75 -21.00 9.99
C LEU D 99 -22.84 -21.01 11.25
N PRO D 100 -21.51 -20.84 11.23
CA PRO D 100 -20.68 -20.96 12.44
C PRO D 100 -20.78 -19.65 13.22
N GLU D 101 -20.53 -19.62 14.54
CA GLU D 101 -20.58 -18.36 15.28
C GLU D 101 -19.47 -17.34 14.91
N ARG D 102 -18.35 -17.78 14.37
CA ARG D 102 -17.31 -16.87 13.97
C ARG D 102 -16.66 -17.36 12.67
N ILE D 103 -16.26 -16.48 11.74
CA ILE D 103 -15.58 -16.87 10.51
C ILE D 103 -14.20 -16.26 10.67
N ASP D 104 -13.14 -17.05 10.49
CA ASP D 104 -11.79 -16.58 10.65
C ASP D 104 -11.04 -16.72 9.41
N ASN D 105 -10.01 -15.91 9.34
CA ASN D 105 -8.96 -16.00 8.33
C ASN D 105 -9.30 -15.75 6.88
N VAL D 106 -10.52 -16.06 6.46
CA VAL D 106 -10.89 -15.95 5.09
C VAL D 106 -11.39 -14.55 4.74
N LEU D 107 -12.01 -13.79 5.65
CA LEU D 107 -12.64 -12.52 5.27
C LEU D 107 -11.71 -11.35 5.48
N VAL D 108 -12.00 -10.20 4.88
CA VAL D 108 -11.11 -9.07 4.98
C VAL D 108 -11.89 -7.94 5.66
N CYS D 109 -11.33 -7.14 6.57
CA CYS D 109 -12.14 -6.06 7.08
C CYS D 109 -12.46 -4.91 6.09
N PRO D 110 -13.71 -4.51 5.79
CA PRO D 110 -14.07 -3.29 5.07
C PRO D 110 -13.55 -2.01 5.73
N ASN D 111 -13.35 -2.04 7.03
CA ASN D 111 -12.90 -0.85 7.72
C ASN D 111 -11.47 -0.66 7.30
N SER D 112 -11.27 0.37 6.50
CA SER D 112 -9.96 0.62 5.92
C SER D 112 -8.90 1.01 6.94
N ASN D 113 -9.36 1.60 8.07
CA ASN D 113 -8.53 2.04 9.15
C ASN D 113 -8.53 1.00 10.25
N CYS D 114 -9.11 -0.16 9.98
CA CYS D 114 -9.11 -1.21 10.95
C CYS D 114 -7.66 -1.61 10.85
N ILE D 115 -7.09 -1.87 12.03
CA ILE D 115 -5.71 -2.23 12.04
C ILE D 115 -5.46 -3.61 11.52
N SER D 116 -6.49 -4.41 11.27
CA SER D 116 -6.23 -5.77 10.82
C SER D 116 -5.50 -5.85 9.51
N HIS D 117 -5.50 -4.71 8.79
CA HIS D 117 -4.90 -4.49 7.48
C HIS D 117 -3.37 -4.47 7.30
N ALA D 118 -2.63 -3.88 8.24
CA ALA D 118 -1.17 -3.86 8.10
C ALA D 118 -0.52 -5.03 8.83
N GLU D 119 -1.08 -5.34 10.00
CA GLU D 119 -0.49 -6.31 10.89
C GLU D 119 -0.62 -7.80 10.58
N PRO D 120 0.34 -8.51 11.15
CA PRO D 120 0.38 -9.95 11.36
C PRO D 120 -0.79 -10.72 11.99
N VAL D 121 -2.02 -10.48 11.59
CA VAL D 121 -3.07 -11.07 12.37
C VAL D 121 -4.12 -11.63 11.44
N SER D 122 -4.69 -12.78 11.77
CA SER D 122 -5.77 -13.27 10.95
C SER D 122 -7.09 -12.68 11.47
N SER D 123 -7.91 -12.34 10.49
CA SER D 123 -9.18 -11.74 10.73
C SER D 123 -10.10 -12.69 11.48
N SER D 124 -10.97 -12.10 12.28
CA SER D 124 -11.95 -12.85 12.99
C SER D 124 -13.18 -11.97 12.87
N PHE D 125 -14.28 -12.57 12.42
CA PHE D 125 -15.56 -11.89 12.34
C PHE D 125 -16.67 -12.67 13.07
N ALA D 126 -17.53 -12.10 13.91
CA ALA D 126 -18.62 -12.86 14.46
C ALA D 126 -19.91 -12.62 13.71
N VAL D 127 -20.53 -13.76 13.41
CA VAL D 127 -21.73 -13.89 12.59
C VAL D 127 -22.98 -13.70 13.44
N ARG D 128 -23.88 -12.92 12.88
CA ARG D 128 -25.17 -12.67 13.52
C ARG D 128 -26.17 -12.51 12.38
N LYS D 129 -27.18 -13.37 12.29
CA LYS D 129 -28.12 -13.27 11.18
C LYS D 129 -29.11 -12.19 11.54
N ARG D 130 -28.81 -11.00 11.06
CA ARG D 130 -29.66 -9.87 11.32
C ARG D 130 -30.79 -9.80 10.30
N ALA D 131 -31.80 -10.54 10.79
CA ALA D 131 -33.14 -10.72 10.24
C ALA D 131 -33.22 -10.99 8.75
N ASN D 132 -32.83 -10.02 7.92
CA ASN D 132 -32.79 -10.19 6.49
C ASN D 132 -31.50 -10.80 5.98
N ASP D 133 -30.36 -10.57 6.65
CA ASP D 133 -29.08 -11.11 6.20
C ASP D 133 -28.17 -11.34 7.37
N ILE D 134 -26.89 -11.58 7.12
CA ILE D 134 -26.00 -11.77 8.24
C ILE D 134 -25.05 -10.57 8.33
N ALA D 135 -24.90 -10.11 9.56
CA ALA D 135 -24.03 -9.03 9.94
C ALA D 135 -22.78 -9.67 10.55
N LEU D 136 -21.57 -9.13 10.30
CA LEU D 136 -20.31 -9.66 10.82
C LEU D 136 -19.56 -8.60 11.56
N LYS D 137 -19.34 -8.72 12.87
CA LYS D 137 -18.63 -7.72 13.66
C LYS D 137 -17.15 -8.11 13.72
N CYS D 138 -16.22 -7.24 13.31
CA CYS D 138 -14.81 -7.50 13.35
C CYS D 138 -14.36 -7.57 14.80
N LYS D 139 -13.47 -8.54 15.01
CA LYS D 139 -12.83 -8.81 16.28
C LYS D 139 -12.15 -7.60 16.90
N TYR D 140 -11.44 -6.93 15.96
CA TYR D 140 -10.59 -5.79 16.29
C TYR D 140 -11.25 -4.40 16.28
N CYS D 141 -11.81 -3.96 15.16
CA CYS D 141 -12.31 -2.61 15.12
C CYS D 141 -13.73 -2.49 15.61
N GLU D 142 -14.28 -3.69 15.87
CA GLU D 142 -15.60 -3.97 16.37
C GLU D 142 -16.64 -3.32 15.48
N LYS D 143 -16.35 -3.02 14.20
CA LYS D 143 -17.36 -2.37 13.35
C LYS D 143 -18.24 -3.45 12.78
N GLU D 144 -19.58 -3.35 12.81
CA GLU D 144 -20.42 -4.42 12.27
C GLU D 144 -20.78 -4.14 10.83
N PHE D 145 -20.68 -5.15 9.95
CA PHE D 145 -20.96 -4.97 8.52
C PHE D 145 -21.89 -6.00 7.89
N SER D 146 -22.56 -5.56 6.82
CA SER D 146 -23.49 -6.38 6.07
C SER D 146 -22.60 -7.35 5.36
N HIS D 147 -22.84 -8.64 5.50
CA HIS D 147 -21.96 -9.58 4.85
C HIS D 147 -21.77 -9.37 3.37
N ASN D 148 -22.71 -8.70 2.69
CA ASN D 148 -22.61 -8.34 1.29
C ASN D 148 -21.41 -7.40 1.16
N VAL D 149 -21.36 -6.33 1.95
CA VAL D 149 -20.25 -5.37 2.01
C VAL D 149 -18.96 -6.16 2.22
N VAL D 150 -18.97 -7.08 3.21
CA VAL D 150 -17.80 -7.84 3.52
C VAL D 150 -17.34 -8.66 2.33
N LEU D 151 -18.15 -9.53 1.73
CA LEU D 151 -17.76 -10.37 0.61
C LEU D 151 -17.43 -9.71 -0.74
N ALA D 152 -17.43 -8.38 -0.80
CA ALA D 152 -16.87 -7.68 -1.97
C ALA D 152 -15.35 -7.51 -1.70
N ASN D 153 -15.03 -7.03 -0.46
CA ASN D 153 -13.73 -6.74 0.17
C ASN D 153 -12.45 -6.33 -0.57
#